data_7WQ3
#
_entry.id   7WQ3
#
_cell.length_a   1.00
_cell.length_b   1.00
_cell.length_c   1.00
_cell.angle_alpha   90.00
_cell.angle_beta   90.00
_cell.angle_gamma   90.00
#
_symmetry.space_group_name_H-M   'P 1'
#
loop_
_entity.id
_entity.type
_entity.pdbx_description
1 polymer 'Galanin receptor type 1'
2 polymer 'Guanine nucleotide-binding protein G(i) subunit alpha-1'
3 polymer 'Guanine nucleotide-binding protein G(I)/G(S)/G(T) subunit beta-1'
4 polymer 'Guanine nucleotide-binding protein G(I)/G(S)/G(O) subunit gamma-2'
5 polymer ScFv16
6 polymer Galanin
7 non-polymer CHOLESTEROL
#
loop_
_entity_poly.entity_id
_entity_poly.type
_entity_poly.pdbx_seq_one_letter_code
_entity_poly.pdbx_strand_id
1 'polypeptide(L)'
;MELAVGNLSEGNASWPEPPAPEPGPLFGIGVENFVTLVVFGLIFALGVLGNSLVITVLARSKPGKPRSTTNLFILNLSIA
DLAYLLFCIPFQATVYALPTWVLGAFICKFIHYFFTVSMLVSIFTLAAMSVDRYVAIVHSRRSSSLRVSRNALLGVGCIW
ALSIAMASPVAYHQGLFHPRASNQTFCWEQWPDPRHKKAYVVCTFVFGYLLPLLLICFCYAKVLNHLHKKLKNMSKKSEA
SKKKTAQTVLVVVVVFGISWLPHHIIHLWAEFGVFPLTPASFLFRITAHCLAYSNSSVNPIIYAFLSENFRKAYKQVFKC
HIRKDSHLSDTKESKSRIDTPPSTNCTHV
;
R
2 'polypeptide(L)'
;MGCTLSAEDKAAVERSKMIDRNLREDGEKAAREVKLLLLGAGESGKNTIVKQMKIIHEAGYSEEECKQYKAVVYSNTIQS
IIAIIRAMGRLKIDFGDSARADDARQLFVLAGAAEEGFMTAELAGVIKRLWKDSGVQACFNRSREYQLNDSAAYYLNDLD
RIAQPNYIPTQQDVLRTRVKTTGIVETHFTFKDLHFKMFDVGAQRSERKKWIHCFEGVTAIIFCVALSDYDLVLAEDEEM
NRMHASMKLFDSICNNKWFTDTSIILFLNKKDLFEEKIKKSPLTICYPEYAGSNTYEEAAAYIQCQFEDLNKRKDTKEIY
THFTCSTDTKNVQFVFDAVTDVIIKNNLKDCGLF
;
A
3 'polypeptide(L)'
;MHHHHHHGSLLQSELDQLRQEAEQLKNQIRDARKACADATLSQITNNIDPVGRIQMRTRRTLRGHLAKIYAMHWGTDSRL
LVSASQDGKLIIWDSYTTNKVHAIPLRSSWVMTCAYAPSGNYVACGGLDNICSIYNLKTREGNVRVSRELAGHTGYLSCC
RFLDDNQIVTSSGDTTCALWDIETGQQTTTFTGHTGDVMSLSLAPDTRLFVSGACDASAKLWDVREGMCRQTFTGHESDI
NAICFFPNGNAFATGSDDATCRLFDLRADQELMTYSHDNIICGITSVSFSKSGRLLLAGYDDFNCNVWDALKADRAGVLA
GHDNRVSCLGVTDDGMAVATGSWDSFLKIWN
;
B
4 'polypeptide(L)' MASNNTASIAQARKLVEQLKMEANIDRIKVSKAAADLMAYCEAHAKEDPLLTPVPASENPFREKKFFCAIL G
5 'polypeptide(L)'
;VQLVESGGGLVQPGGSRKLSCSASGFAFSSFGMHWVRQAPEKGLEWVAYISSGSGTIYYADTVKGRFTISRDDPKNTLFL
QMTSLRSEDTAMYYCVRSIYYYGSSPFDFWGQGTTLTVSAGGGGSGGGGSGGGGSADIVMTQATSSVPVTPGESVSISCR
SSKSLLHSNGNTYLYWFLQRPGQSPQLLIYRMSNLASGVPDRFSGSGSGTAFTLTISRLEAEDVGVYYCMQHLEYPLTFG
AGTKLEL
;
S
6 'polypeptide(L)' GWTLNSAGYLLGPHAVGNHRSFSDKNGLTS L
#
loop_
_chem_comp.id
_chem_comp.type
_chem_comp.name
_chem_comp.formula
CLR non-polymer CHOLESTEROL 'C27 H46 O'
#
# COMPACT_ATOMS: atom_id res chain seq x y z
N GLU A 32 -13.67 -11.38 57.77
CA GLU A 32 -12.93 -10.30 58.37
C GLU A 32 -12.15 -9.53 57.31
N ASN A 33 -11.86 -8.25 57.58
CA ASN A 33 -11.21 -7.41 56.59
C ASN A 33 -9.79 -7.87 56.29
N PHE A 34 -9.12 -8.51 57.26
CA PHE A 34 -7.72 -8.89 57.12
C PHE A 34 -7.47 -9.80 55.93
N VAL A 35 -8.50 -10.47 55.40
CA VAL A 35 -8.36 -11.32 54.22
C VAL A 35 -9.06 -10.72 53.01
N THR A 36 -10.20 -10.05 53.22
CA THR A 36 -10.91 -9.44 52.10
C THR A 36 -10.09 -8.34 51.46
N LEU A 37 -9.35 -7.57 52.28
CA LEU A 37 -8.53 -6.49 51.73
C LEU A 37 -7.43 -7.03 50.83
N VAL A 38 -6.73 -8.07 51.27
CA VAL A 38 -5.63 -8.60 50.46
C VAL A 38 -6.17 -9.33 49.24
N VAL A 39 -7.35 -9.96 49.35
CA VAL A 39 -7.96 -10.59 48.19
C VAL A 39 -8.34 -9.54 47.15
N PHE A 40 -8.96 -8.45 47.59
CA PHE A 40 -9.29 -7.37 46.67
C PHE A 40 -8.04 -6.77 46.04
N GLY A 41 -6.97 -6.62 46.82
CA GLY A 41 -5.73 -6.10 46.28
C GLY A 41 -5.12 -7.00 45.23
N LEU A 42 -5.11 -8.31 45.49
CA LEU A 42 -4.57 -9.26 44.51
C LEU A 42 -5.40 -9.25 43.23
N ILE A 43 -6.73 -9.26 43.37
CA ILE A 43 -7.59 -9.25 42.19
C ILE A 43 -7.40 -7.97 41.40
N PHE A 44 -7.28 -6.83 42.08
CA PHE A 44 -7.07 -5.56 41.41
C PHE A 44 -5.74 -5.54 40.68
N ALA A 45 -4.69 -6.08 41.32
CA ALA A 45 -3.38 -6.13 40.68
C ALA A 45 -3.41 -6.99 39.42
N LEU A 46 -4.02 -8.18 39.52
CA LEU A 46 -4.11 -9.05 38.35
C LEU A 46 -4.91 -8.39 37.23
N GLY A 47 -6.03 -7.75 37.58
CA GLY A 47 -6.84 -7.11 36.56
C GLY A 47 -6.15 -5.95 35.89
N VAL A 48 -5.47 -5.10 36.67
CA VAL A 48 -4.79 -3.95 36.08
C VAL A 48 -3.60 -4.41 35.25
N LEU A 49 -2.93 -5.48 35.67
CA LEU A 49 -1.85 -6.03 34.84
C LEU A 49 -2.37 -6.57 33.52
N GLY A 50 -3.47 -7.34 33.55
CA GLY A 50 -4.04 -7.84 32.32
C GLY A 50 -4.49 -6.72 31.39
N ASN A 51 -5.16 -5.71 31.96
CA ASN A 51 -5.61 -4.58 31.14
C ASN A 51 -4.44 -3.80 30.56
N SER A 52 -3.37 -3.60 31.34
CA SER A 52 -2.20 -2.90 30.82
C SER A 52 -1.55 -3.70 29.69
N LEU A 53 -1.42 -5.01 29.86
CA LEU A 53 -0.86 -5.84 28.79
C LEU A 53 -1.71 -5.76 27.53
N VAL A 54 -3.04 -5.84 27.68
CA VAL A 54 -3.92 -5.82 26.51
C VAL A 54 -3.83 -4.48 25.80
N ILE A 55 -3.86 -3.38 26.56
CA ILE A 55 -3.84 -2.06 25.94
C ILE A 55 -2.48 -1.79 25.30
N THR A 56 -1.40 -2.30 25.89
CA THR A 56 -0.09 -2.13 25.26
C THR A 56 0.02 -2.92 23.96
N VAL A 57 -0.51 -4.15 23.96
CA VAL A 57 -0.50 -4.95 22.75
C VAL A 57 -1.33 -4.28 21.66
N LEU A 58 -2.47 -3.69 22.03
CA LEU A 58 -3.35 -3.08 21.05
C LEU A 58 -2.89 -1.69 20.60
N ALA A 59 -2.06 -1.01 21.39
CA ALA A 59 -1.59 0.33 21.03
C ALA A 59 -0.23 0.33 20.35
N ARG A 60 0.67 -0.56 20.75
CA ARG A 60 1.99 -0.60 20.14
C ARG A 60 1.93 -1.14 18.71
N SER A 61 1.04 -2.09 18.46
CA SER A 61 0.90 -2.71 17.13
C SER A 61 0.15 -1.75 16.23
N LYS A 62 0.89 -0.89 15.52
CA LYS A 62 0.33 0.07 14.56
C LYS A 62 1.10 -0.03 13.25
N PRO A 63 0.82 -1.06 12.45
CA PRO A 63 1.50 -1.21 11.15
C PRO A 63 0.94 -0.34 10.04
N GLY A 64 -0.03 0.52 10.32
CA GLY A 64 -0.64 1.34 9.31
C GLY A 64 -1.89 0.77 8.68
N LYS A 65 -2.47 -0.28 9.25
CA LYS A 65 -3.67 -0.93 8.75
C LYS A 65 -4.90 -0.44 9.50
N PRO A 66 -6.03 -0.30 8.80
CA PRO A 66 -7.26 0.14 9.48
C PRO A 66 -7.70 -0.88 10.52
N ARG A 67 -7.97 -0.39 11.73
CA ARG A 67 -8.39 -1.27 12.82
C ARG A 67 -9.76 -1.86 12.53
N SER A 68 -9.87 -3.18 12.67
CA SER A 68 -11.14 -3.85 12.47
C SER A 68 -12.08 -3.58 13.64
N THR A 69 -13.34 -3.96 13.47
CA THR A 69 -14.33 -3.75 14.51
C THR A 69 -14.02 -4.58 15.75
N THR A 70 -13.49 -5.79 15.56
CA THR A 70 -13.17 -6.66 16.68
C THR A 70 -12.08 -6.05 17.55
N ASN A 71 -11.01 -5.55 16.93
CA ASN A 71 -9.92 -4.95 17.69
C ASN A 71 -10.38 -3.70 18.43
N LEU A 72 -11.21 -2.88 17.78
CA LEU A 72 -11.72 -1.69 18.44
C LEU A 72 -12.61 -2.05 19.61
N PHE A 73 -13.45 -3.08 19.46
CA PHE A 73 -14.30 -3.51 20.57
C PHE A 73 -13.47 -4.06 21.72
N ILE A 74 -12.41 -4.81 21.41
CA ILE A 74 -11.53 -5.34 22.46
C ILE A 74 -10.84 -4.20 23.19
N LEU A 75 -10.39 -3.18 22.45
CA LEU A 75 -9.74 -2.03 23.07
C LEU A 75 -10.71 -1.27 23.97
N ASN A 76 -11.95 -1.07 23.49
CA ASN A 76 -12.95 -0.39 24.30
C ASN A 76 -13.27 -1.18 25.56
N LEU A 77 -13.34 -2.51 25.43
CA LEU A 77 -13.61 -3.35 26.60
C LEU A 77 -12.46 -3.27 27.60
N SER A 78 -11.22 -3.28 27.11
CA SER A 78 -10.07 -3.17 28.00
C SER A 78 -10.06 -1.83 28.71
N ILE A 79 -10.36 -0.74 28.00
CA ILE A 79 -10.39 0.57 28.62
C ILE A 79 -11.50 0.63 29.66
N ALA A 80 -12.66 0.07 29.35
CA ALA A 80 -13.78 0.07 30.30
C ALA A 80 -13.42 -0.72 31.55
N ASP A 81 -12.81 -1.90 31.38
CA ASP A 81 -12.42 -2.70 32.53
C ASP A 81 -11.35 -1.99 33.36
N LEU A 82 -10.40 -1.31 32.72
CA LEU A 82 -9.39 -0.57 33.46
C LEU A 82 -10.01 0.56 34.26
N ALA A 83 -10.92 1.32 33.64
CA ALA A 83 -11.59 2.41 34.34
C ALA A 83 -12.46 1.89 35.47
N TYR A 84 -13.04 0.70 35.30
CA TYR A 84 -13.86 0.12 36.37
C TYR A 84 -13.01 -0.38 37.53
N LEU A 85 -11.86 -0.97 37.24
CA LEU A 85 -11.03 -1.52 38.32
C LEU A 85 -10.26 -0.42 39.05
N LEU A 86 -9.89 0.66 38.35
CA LEU A 86 -9.14 1.74 38.98
C LEU A 86 -10.00 2.63 39.86
N PHE A 87 -11.32 2.56 39.75
CA PHE A 87 -12.21 3.45 40.47
C PHE A 87 -13.16 2.73 41.42
N CYS A 88 -13.10 1.41 41.51
CA CYS A 88 -14.02 0.65 42.35
C CYS A 88 -13.33 -0.09 43.49
N ILE A 89 -12.32 -0.90 43.18
CA ILE A 89 -11.70 -1.76 44.18
C ILE A 89 -10.91 -0.94 45.20
N PRO A 90 -9.95 -0.08 44.80
CA PRO A 90 -9.18 0.64 45.81
C PRO A 90 -9.99 1.61 46.65
N PHE A 91 -11.21 1.94 46.22
CA PHE A 91 -12.09 2.83 46.96
C PHE A 91 -13.12 2.09 47.81
N GLN A 92 -13.70 1.01 47.28
CA GLN A 92 -14.62 0.22 48.08
C GLN A 92 -13.87 -0.58 49.14
N ALA A 93 -12.56 -0.78 48.97
CA ALA A 93 -11.77 -1.42 50.01
C ALA A 93 -11.71 -0.55 51.26
N THR A 94 -11.75 0.78 51.09
CA THR A 94 -11.74 1.68 52.23
C THR A 94 -13.04 1.56 53.03
N VAL A 95 -14.14 1.22 52.36
CA VAL A 95 -15.42 1.08 53.04
C VAL A 95 -15.36 -0.05 54.06
N TYR A 96 -14.70 -1.15 53.71
CA TYR A 96 -14.55 -2.28 54.62
C TYR A 96 -13.33 -2.16 55.53
N ALA A 97 -12.38 -1.30 55.18
CA ALA A 97 -11.19 -1.09 56.01
C ALA A 97 -11.43 0.00 57.07
N LEU A 98 -11.80 1.21 56.61
CA LEU A 98 -12.04 2.31 57.53
C LEU A 98 -13.52 2.46 57.82
N PRO A 99 -13.89 2.73 59.08
CA PRO A 99 -15.30 2.88 59.42
C PRO A 99 -15.91 4.22 59.07
N THR A 100 -15.16 5.12 58.43
CA THR A 100 -15.67 6.44 58.08
C THR A 100 -15.12 6.84 56.73
N TRP A 101 -15.89 7.66 56.00
CA TRP A 101 -15.46 8.15 54.70
C TRP A 101 -14.56 9.36 54.86
N VAL A 102 -13.36 9.28 54.28
CA VAL A 102 -12.36 10.34 54.42
C VAL A 102 -11.89 10.79 53.04
N LEU A 103 -12.72 10.58 52.02
CA LEU A 103 -12.36 10.96 50.66
C LEU A 103 -13.07 12.21 50.17
N GLY A 104 -14.03 12.73 50.92
CA GLY A 104 -14.71 13.95 50.54
C GLY A 104 -15.87 13.71 49.59
N ALA A 105 -16.75 14.71 49.53
CA ALA A 105 -17.93 14.62 48.68
C ALA A 105 -17.55 14.56 47.20
N PHE A 106 -16.48 15.24 46.82
CA PHE A 106 -16.01 15.23 45.44
C PHE A 106 -15.73 13.80 44.97
N ILE A 107 -14.87 13.09 45.70
CA ILE A 107 -14.55 11.71 45.35
C ILE A 107 -15.79 10.83 45.51
N CYS A 108 -16.55 11.04 46.59
CA CYS A 108 -17.76 10.27 46.84
C CYS A 108 -18.76 10.32 45.71
N LYS A 109 -18.87 11.46 45.01
CA LYS A 109 -19.78 11.58 43.88
C LYS A 109 -19.10 11.33 42.54
N PHE A 110 -17.76 11.31 42.51
CA PHE A 110 -17.04 11.08 41.27
C PHE A 110 -16.82 9.59 40.99
N ILE A 111 -16.31 8.84 41.98
CA ILE A 111 -15.94 7.46 41.74
C ILE A 111 -17.17 6.58 41.58
N HIS A 112 -18.22 6.83 42.37
CA HIS A 112 -19.43 6.02 42.28
C HIS A 112 -20.19 6.25 40.99
N TYR A 113 -19.95 7.36 40.31
CA TYR A 113 -20.51 7.60 38.99
C TYR A 113 -19.62 7.02 37.89
N PHE A 114 -18.31 7.21 38.01
CA PHE A 114 -17.41 6.74 36.95
C PHE A 114 -17.34 5.23 36.89
N PHE A 115 -17.32 4.54 38.04
CA PHE A 115 -17.29 3.08 38.00
C PHE A 115 -18.60 2.51 37.47
N THR A 116 -19.73 3.16 37.77
CA THR A 116 -21.00 2.72 37.21
C THR A 116 -21.03 2.90 35.70
N VAL A 117 -20.55 4.06 35.21
CA VAL A 117 -20.47 4.29 33.77
C VAL A 117 -19.56 3.27 33.12
N SER A 118 -18.44 2.93 33.79
CA SER A 118 -17.51 1.96 33.25
C SER A 118 -18.15 0.57 33.15
N MET A 119 -18.87 0.16 34.20
CA MET A 119 -19.55 -1.13 34.18
C MET A 119 -20.60 -1.17 33.06
N LEU A 120 -21.38 -0.08 32.93
CA LEU A 120 -22.40 -0.04 31.89
C LEU A 120 -21.79 -0.12 30.50
N VAL A 121 -20.73 0.67 30.24
CA VAL A 121 -20.12 0.66 28.92
C VAL A 121 -19.42 -0.67 28.66
N SER A 122 -18.93 -1.34 29.70
CA SER A 122 -18.32 -2.65 29.51
C SER A 122 -19.37 -3.68 29.12
N ILE A 123 -20.52 -3.68 29.80
CA ILE A 123 -21.59 -4.61 29.44
C ILE A 123 -22.09 -4.31 28.02
N PHE A 124 -22.19 -3.02 27.68
CA PHE A 124 -22.68 -2.66 26.35
C PHE A 124 -21.69 -3.03 25.26
N THR A 125 -20.39 -2.89 25.50
CA THR A 125 -19.42 -3.29 24.48
C THR A 125 -19.31 -4.80 24.41
N LEU A 126 -19.59 -5.51 25.51
CA LEU A 126 -19.73 -6.96 25.44
C LEU A 126 -20.86 -7.36 24.51
N ALA A 127 -22.04 -6.73 24.70
CA ALA A 127 -23.17 -7.01 23.82
C ALA A 127 -22.86 -6.64 22.37
N ALA A 128 -22.12 -5.54 22.18
CA ALA A 128 -21.76 -5.12 20.83
C ALA A 128 -20.81 -6.11 20.17
N MET A 129 -19.82 -6.60 20.91
CA MET A 129 -18.92 -7.61 20.35
C MET A 129 -19.68 -8.89 20.04
N SER A 130 -20.64 -9.26 20.89
CA SER A 130 -21.44 -10.45 20.63
C SER A 130 -22.25 -10.30 19.35
N VAL A 131 -22.94 -9.17 19.18
CA VAL A 131 -23.74 -8.98 17.98
C VAL A 131 -22.84 -8.82 16.74
N ASP A 132 -21.62 -8.32 16.93
CA ASP A 132 -20.68 -8.23 15.81
C ASP A 132 -20.23 -9.61 15.36
N ARG A 133 -19.86 -10.47 16.32
CA ARG A 133 -19.52 -11.84 15.97
C ARG A 133 -20.71 -12.59 15.40
N TYR A 134 -21.94 -12.18 15.77
CA TYR A 134 -23.12 -12.76 15.17
C TYR A 134 -23.27 -12.36 13.70
N VAL A 135 -23.21 -11.06 13.42
CA VAL A 135 -23.39 -10.57 12.06
C VAL A 135 -22.20 -10.89 11.16
N ALA A 136 -21.05 -11.25 11.72
CA ALA A 136 -19.88 -11.58 10.93
C ALA A 136 -19.81 -13.06 10.56
N ILE A 137 -20.85 -13.84 10.86
CA ILE A 137 -20.87 -15.27 10.55
C ILE A 137 -22.05 -15.57 9.64
N VAL A 138 -23.25 -15.12 10.04
CA VAL A 138 -24.44 -15.33 9.23
C VAL A 138 -24.39 -14.51 7.95
N HIS A 139 -23.55 -13.47 7.91
CA HIS A 139 -23.36 -12.62 6.74
C HIS A 139 -21.89 -12.57 6.36
N SER A 140 -21.29 -13.76 6.27
CA SER A 140 -19.85 -13.85 6.02
C SER A 140 -19.46 -13.15 4.73
N ARG A 141 -20.28 -13.29 3.68
CA ARG A 141 -19.97 -12.62 2.42
C ARG A 141 -20.22 -11.12 2.51
N ARG A 142 -21.25 -10.71 3.25
CA ARG A 142 -21.55 -9.30 3.42
C ARG A 142 -20.82 -8.68 4.61
N SER A 143 -19.97 -9.45 5.30
CA SER A 143 -19.26 -8.93 6.47
C SER A 143 -18.31 -7.81 6.09
N SER A 144 -17.59 -7.96 4.98
CA SER A 144 -16.61 -6.96 4.59
C SER A 144 -17.26 -5.62 4.30
N SER A 145 -18.56 -5.60 4.00
CA SER A 145 -19.24 -4.35 3.68
C SER A 145 -19.96 -3.77 4.89
N LEU A 146 -20.62 -4.63 5.68
CA LEU A 146 -21.44 -4.15 6.78
C LEU A 146 -20.60 -3.50 7.87
N ARG A 147 -19.73 -4.29 8.51
CA ARG A 147 -18.93 -3.79 9.63
C ARG A 147 -17.69 -3.07 9.08
N VAL A 148 -17.61 -1.76 9.33
CA VAL A 148 -16.49 -0.94 8.90
C VAL A 148 -15.99 -0.14 10.10
N SER A 149 -14.96 0.68 9.84
CA SER A 149 -14.35 1.44 10.92
C SER A 149 -15.27 2.55 11.42
N ARG A 150 -15.88 3.30 10.51
CA ARG A 150 -16.74 4.42 10.92
C ARG A 150 -18.00 3.92 11.61
N ASN A 151 -18.55 2.80 11.15
CA ASN A 151 -19.73 2.24 11.82
C ASN A 151 -19.39 1.78 13.24
N ALA A 152 -18.22 1.16 13.42
CA ALA A 152 -17.80 0.76 14.75
C ALA A 152 -17.56 1.98 15.64
N LEU A 153 -16.97 3.04 15.09
CA LEU A 153 -16.76 4.26 15.86
C LEU A 153 -18.09 4.87 16.29
N LEU A 154 -19.06 4.93 15.38
CA LEU A 154 -20.37 5.46 15.73
C LEU A 154 -21.07 4.59 16.77
N GLY A 155 -20.95 3.27 16.66
CA GLY A 155 -21.54 2.39 17.66
C GLY A 155 -20.91 2.58 19.03
N VAL A 156 -19.58 2.71 19.08
CA VAL A 156 -18.91 2.93 20.36
C VAL A 156 -19.32 4.27 20.95
N GLY A 157 -19.44 5.30 20.10
CA GLY A 157 -19.87 6.60 20.59
C GLY A 157 -21.29 6.57 21.15
N CYS A 158 -22.20 5.90 20.45
CA CYS A 158 -23.57 5.79 20.95
C CYS A 158 -23.62 4.97 22.24
N ILE A 159 -22.78 3.94 22.34
CA ILE A 159 -22.73 3.13 23.56
C ILE A 159 -22.25 3.98 24.73
N TRP A 160 -21.19 4.77 24.52
CA TRP A 160 -20.70 5.64 25.59
C TRP A 160 -21.74 6.68 25.98
N ALA A 161 -22.43 7.25 25.00
CA ALA A 161 -23.46 8.24 25.29
C ALA A 161 -24.59 7.63 26.10
N LEU A 162 -25.02 6.41 25.74
CA LEU A 162 -26.10 5.76 26.48
C LEU A 162 -25.65 5.41 27.89
N SER A 163 -24.41 4.96 28.05
CA SER A 163 -23.90 4.63 29.38
C SER A 163 -23.79 5.87 30.25
N ILE A 164 -23.41 7.00 29.66
CA ILE A 164 -23.35 8.25 30.42
C ILE A 164 -24.74 8.73 30.80
N ALA A 165 -25.70 8.61 29.87
CA ALA A 165 -27.06 9.07 30.14
C ALA A 165 -27.83 8.15 31.07
N MET A 166 -27.40 6.90 31.23
CA MET A 166 -28.10 5.96 32.10
C MET A 166 -27.70 6.09 33.57
N ALA A 167 -26.44 6.39 33.85
CA ALA A 167 -25.94 6.44 35.22
C ALA A 167 -26.07 7.82 35.84
N SER A 168 -26.97 8.66 35.34
CA SER A 168 -27.18 10.00 35.88
C SER A 168 -27.82 9.99 37.26
N PRO A 169 -28.81 9.15 37.55
CA PRO A 169 -29.35 9.12 38.93
C PRO A 169 -28.31 8.74 39.97
N VAL A 170 -27.28 7.99 39.60
CA VAL A 170 -26.23 7.65 40.55
C VAL A 170 -25.51 8.90 41.02
N ALA A 171 -25.03 9.72 40.08
CA ALA A 171 -24.38 10.97 40.45
C ALA A 171 -25.38 11.95 41.06
N TYR A 172 -26.66 11.79 40.75
CA TYR A 172 -27.67 12.69 41.30
C TYR A 172 -27.90 12.45 42.78
N HIS A 173 -28.06 11.18 43.17
CA HIS A 173 -28.45 10.85 44.54
C HIS A 173 -27.25 10.63 45.45
N GLN A 174 -26.28 9.83 45.01
CA GLN A 174 -25.12 9.46 45.86
C GLN A 174 -24.41 10.70 46.41
N GLY A 175 -24.29 10.78 47.73
CA GLY A 175 -23.62 11.89 48.38
C GLY A 175 -23.27 11.55 49.82
N LEU A 176 -22.78 12.58 50.52
CA LEU A 176 -22.38 12.40 51.92
C LEU A 176 -23.59 12.39 52.84
N PHE A 177 -23.40 11.78 54.01
CA PHE A 177 -24.45 11.66 55.02
C PHE A 177 -23.82 11.74 56.39
N HIS A 178 -24.49 12.43 57.31
CA HIS A 178 -24.02 12.61 58.67
C HIS A 178 -25.07 12.10 59.65
N PRO A 179 -24.76 11.15 60.53
CA PRO A 179 -25.75 10.68 61.51
C PRO A 179 -26.09 11.74 62.55
N ARG A 180 -26.95 11.38 63.51
CA ARG A 180 -27.34 12.33 64.54
C ARG A 180 -26.20 12.64 65.50
N ALA A 181 -25.16 11.82 65.54
CA ALA A 181 -24.03 12.09 66.42
C ALA A 181 -23.16 13.23 65.88
N SER A 182 -23.17 13.42 64.55
CA SER A 182 -22.41 14.47 63.89
C SER A 182 -20.91 14.36 64.13
N ASN A 183 -20.42 13.14 64.39
CA ASN A 183 -19.00 12.89 64.61
C ASN A 183 -18.40 11.99 63.53
N GLN A 184 -19.14 11.73 62.46
CA GLN A 184 -18.65 10.88 61.38
C GLN A 184 -19.45 11.17 60.12
N THR A 185 -18.85 10.86 58.98
CA THR A 185 -19.45 11.09 57.68
C THR A 185 -19.34 9.82 56.84
N PHE A 186 -20.40 9.53 56.08
CA PHE A 186 -20.43 8.36 55.21
C PHE A 186 -20.77 8.81 53.80
N CYS A 187 -20.53 7.92 52.84
CA CYS A 187 -20.84 8.16 51.43
C CYS A 187 -21.93 7.18 51.02
N TRP A 188 -23.18 7.61 51.08
CA TRP A 188 -24.32 6.74 50.87
C TRP A 188 -25.18 7.27 49.71
N GLU A 189 -26.22 6.50 49.37
CA GLU A 189 -27.11 6.89 48.30
C GLU A 189 -28.08 7.99 48.76
N GLN A 190 -28.82 7.72 49.83
CA GLN A 190 -29.76 8.68 50.43
C GLN A 190 -30.81 9.12 49.41
N TRP A 191 -31.61 8.15 48.97
CA TRP A 191 -32.70 8.44 48.05
C TRP A 191 -33.83 9.15 48.79
N PRO A 192 -34.45 10.15 48.16
CA PRO A 192 -35.57 10.85 48.82
C PRO A 192 -36.83 10.01 48.94
N ASP A 193 -36.98 8.97 48.12
CA ASP A 193 -38.16 8.12 48.17
C ASP A 193 -37.81 6.71 47.70
N PRO A 194 -38.23 5.67 48.44
CA PRO A 194 -37.95 4.29 48.00
C PRO A 194 -38.62 3.93 46.69
N ARG A 195 -39.73 4.61 46.38
CA ARG A 195 -40.45 4.33 45.14
C ARG A 195 -39.62 4.61 43.90
N HIS A 196 -38.63 5.50 44.00
CA HIS A 196 -37.72 5.74 42.89
C HIS A 196 -36.49 4.84 42.94
N LYS A 197 -36.00 4.53 44.14
CA LYS A 197 -34.84 3.66 44.27
C LYS A 197 -35.14 2.26 43.78
N LYS A 198 -36.29 1.71 44.19
CA LYS A 198 -36.68 0.37 43.71
C LYS A 198 -36.87 0.36 42.21
N ALA A 199 -37.48 1.42 41.67
CA ALA A 199 -37.68 1.49 40.23
C ALA A 199 -36.36 1.53 39.47
N TYR A 200 -35.40 2.32 39.97
CA TYR A 200 -34.09 2.39 39.32
C TYR A 200 -33.35 1.06 39.44
N VAL A 201 -33.48 0.38 40.58
CA VAL A 201 -32.84 -0.93 40.75
C VAL A 201 -33.40 -1.92 39.74
N VAL A 202 -34.73 -1.96 39.61
CA VAL A 202 -35.35 -2.87 38.65
C VAL A 202 -34.93 -2.51 37.23
N CYS A 203 -34.87 -1.21 36.92
CA CYS A 203 -34.51 -0.78 35.57
C CYS A 203 -33.08 -1.18 35.23
N THR A 204 -32.14 -0.97 36.15
CA THR A 204 -30.76 -1.34 35.87
C THR A 204 -30.57 -2.84 35.86
N PHE A 205 -31.35 -3.58 36.65
CA PHE A 205 -31.27 -5.04 36.61
C PHE A 205 -31.80 -5.58 35.29
N VAL A 206 -32.82 -4.94 34.73
CA VAL A 206 -33.38 -5.40 33.45
C VAL A 206 -32.46 -5.03 32.30
N PHE A 207 -31.98 -3.78 32.28
CA PHE A 207 -31.20 -3.28 31.16
C PHE A 207 -29.70 -3.45 31.34
N GLY A 208 -29.25 -4.16 32.39
CA GLY A 208 -27.83 -4.38 32.58
C GLY A 208 -27.43 -5.83 32.68
N TYR A 209 -28.35 -6.69 33.10
CA TYR A 209 -28.04 -8.11 33.29
C TYR A 209 -28.87 -9.01 32.40
N LEU A 210 -30.19 -8.81 32.34
CA LEU A 210 -31.05 -9.75 31.64
C LEU A 210 -30.98 -9.58 30.13
N LEU A 211 -31.23 -8.36 29.64
CA LEU A 211 -31.27 -8.14 28.19
C LEU A 211 -29.93 -8.40 27.51
N PRO A 212 -28.79 -7.90 28.00
CA PRO A 212 -27.52 -8.22 27.33
C PRO A 212 -27.17 -9.69 27.37
N LEU A 213 -27.44 -10.37 28.49
CA LEU A 213 -27.16 -11.81 28.55
C LEU A 213 -28.03 -12.58 27.56
N LEU A 214 -29.31 -12.23 27.47
CA LEU A 214 -30.19 -12.88 26.50
C LEU A 214 -29.74 -12.62 25.07
N LEU A 215 -29.31 -11.38 24.79
CA LEU A 215 -28.85 -11.07 23.44
C LEU A 215 -27.57 -11.84 23.10
N ILE A 216 -26.64 -11.94 24.05
CA ILE A 216 -25.41 -12.68 23.81
C ILE A 216 -25.71 -14.15 23.59
N CYS A 217 -26.60 -14.72 24.41
CA CYS A 217 -26.96 -16.13 24.26
C CYS A 217 -27.62 -16.38 22.90
N PHE A 218 -28.53 -15.50 22.50
CA PHE A 218 -29.20 -15.66 21.20
C PHE A 218 -28.19 -15.58 20.06
N CYS A 219 -27.31 -14.59 20.10
CA CYS A 219 -26.32 -14.41 19.04
C CYS A 219 -25.41 -15.64 18.94
N TYR A 220 -24.91 -16.12 20.08
CA TYR A 220 -23.99 -17.26 20.05
C TYR A 220 -24.70 -18.55 19.65
N ALA A 221 -25.96 -18.71 20.06
CA ALA A 221 -26.72 -19.88 19.62
C ALA A 221 -26.93 -19.86 18.11
N LYS A 222 -27.25 -18.69 17.56
CA LYS A 222 -27.41 -18.57 16.11
C LYS A 222 -26.09 -18.83 15.39
N VAL A 223 -24.98 -18.36 15.96
CA VAL A 223 -23.67 -18.61 15.36
C VAL A 223 -23.37 -20.10 15.34
N LEU A 224 -23.63 -20.78 16.47
CA LEU A 224 -23.37 -22.21 16.54
C LEU A 224 -24.27 -22.98 15.58
N ASN A 225 -25.54 -22.57 15.46
CA ASN A 225 -26.43 -23.24 14.52
C ASN A 225 -25.98 -23.04 13.08
N HIS A 226 -25.53 -21.82 12.74
CA HIS A 226 -25.05 -21.56 11.39
C HIS A 226 -23.79 -22.36 11.09
N LEU A 227 -22.90 -22.49 12.08
CA LEU A 227 -21.68 -23.28 11.88
C LEU A 227 -22.01 -24.75 11.72
N HIS A 228 -22.99 -25.26 12.48
CA HIS A 228 -23.37 -26.66 12.36
C HIS A 228 -24.06 -26.94 11.03
N LYS A 229 -24.82 -25.97 10.51
CA LYS A 229 -25.50 -26.18 9.24
C LYS A 229 -24.57 -25.98 8.04
N LYS A 230 -23.54 -25.16 8.17
CA LYS A 230 -22.62 -24.91 7.07
C LYS A 230 -21.42 -25.85 7.09
N LEU A 231 -20.69 -25.89 8.21
CA LEU A 231 -19.50 -26.73 8.34
C LEU A 231 -19.94 -28.17 8.52
N LYS A 232 -20.16 -28.84 7.39
CA LYS A 232 -20.62 -30.24 7.38
C LYS A 232 -19.78 -31.11 6.45
N ASN A 233 -18.55 -30.69 6.14
CA ASN A 233 -17.69 -31.46 5.24
C ASN A 233 -17.01 -32.63 5.94
N MET A 234 -17.27 -32.83 7.24
CA MET A 234 -16.73 -33.97 7.99
C MET A 234 -15.20 -33.98 8.02
N SER A 235 -14.59 -32.81 7.91
CA SER A 235 -13.13 -32.73 7.95
C SER A 235 -12.65 -32.59 9.40
N LYS A 236 -11.34 -32.71 9.58
CA LYS A 236 -10.76 -32.60 10.91
C LYS A 236 -10.63 -31.14 11.34
N LYS A 237 -10.17 -30.27 10.44
CA LYS A 237 -10.06 -28.85 10.76
C LYS A 237 -11.42 -28.23 11.05
N SER A 238 -12.45 -28.65 10.32
CA SER A 238 -13.79 -28.15 10.57
C SER A 238 -14.28 -28.53 11.96
N GLU A 239 -14.11 -29.79 12.34
CA GLU A 239 -14.52 -30.23 13.67
C GLU A 239 -13.71 -29.53 14.76
N ALA A 240 -12.41 -29.31 14.52
CA ALA A 240 -11.60 -28.61 15.50
C ALA A 240 -12.07 -27.17 15.68
N SER A 241 -12.35 -26.47 14.57
CA SER A 241 -12.85 -25.11 14.67
C SER A 241 -14.20 -25.06 15.37
N LYS A 242 -15.08 -26.03 15.06
CA LYS A 242 -16.39 -26.04 15.70
C LYS A 242 -16.28 -26.29 17.20
N LYS A 243 -15.42 -27.23 17.61
CA LYS A 243 -15.29 -27.51 19.04
C LYS A 243 -14.62 -26.36 19.77
N LYS A 244 -13.66 -25.69 19.13
CA LYS A 244 -13.05 -24.51 19.75
C LYS A 244 -14.07 -23.40 19.92
N THR A 245 -14.88 -23.14 18.89
CA THR A 245 -15.91 -22.12 19.00
C THR A 245 -16.93 -22.47 20.07
N ALA A 246 -17.33 -23.75 20.15
CA ALA A 246 -18.28 -24.17 21.17
C ALA A 246 -17.70 -23.99 22.58
N GLN A 247 -16.43 -24.35 22.77
CA GLN A 247 -15.79 -24.18 24.07
C GLN A 247 -15.72 -22.71 24.46
N THR A 248 -15.32 -21.85 23.51
CA THR A 248 -15.24 -20.43 23.80
C THR A 248 -16.61 -19.85 24.14
N VAL A 249 -17.65 -20.25 23.39
CA VAL A 249 -19.00 -19.76 23.66
C VAL A 249 -19.46 -20.20 25.03
N LEU A 250 -19.25 -21.48 25.36
CA LEU A 250 -19.64 -21.99 26.67
C LEU A 250 -18.93 -21.24 27.79
N VAL A 251 -17.63 -21.00 27.62
CA VAL A 251 -16.85 -20.31 28.65
C VAL A 251 -17.39 -18.90 28.86
N VAL A 252 -17.54 -18.13 27.77
CA VAL A 252 -17.98 -16.75 27.91
C VAL A 252 -19.39 -16.68 28.46
N VAL A 253 -20.25 -17.65 28.08
CA VAL A 253 -21.62 -17.64 28.57
C VAL A 253 -21.67 -17.93 30.06
N VAL A 254 -20.96 -18.95 30.52
CA VAL A 254 -20.99 -19.27 31.95
C VAL A 254 -20.34 -18.15 32.76
N VAL A 255 -19.31 -17.49 32.19
CA VAL A 255 -18.67 -16.39 32.91
C VAL A 255 -19.64 -15.22 33.06
N PHE A 256 -20.28 -14.81 31.96
CA PHE A 256 -21.22 -13.71 32.02
C PHE A 256 -22.47 -14.06 32.82
N GLY A 257 -22.76 -15.35 33.00
CA GLY A 257 -23.92 -15.75 33.77
C GLY A 257 -23.67 -15.82 35.27
N ILE A 258 -22.51 -16.35 35.68
CA ILE A 258 -22.20 -16.49 37.09
C ILE A 258 -21.38 -15.32 37.63
N SER A 259 -21.03 -14.33 36.80
CA SER A 259 -20.20 -13.23 37.27
C SER A 259 -21.02 -12.14 37.94
N TRP A 260 -22.08 -11.66 37.30
CA TRP A 260 -22.87 -10.55 37.81
C TRP A 260 -24.17 -10.99 38.47
N LEU A 261 -24.38 -12.28 38.64
CA LEU A 261 -25.61 -12.78 39.27
C LEU A 261 -25.63 -12.52 40.78
N PRO A 262 -24.57 -12.81 41.53
CA PRO A 262 -24.64 -12.55 42.99
C PRO A 262 -24.83 -11.09 43.33
N HIS A 263 -24.15 -10.18 42.65
CA HIS A 263 -24.29 -8.75 42.93
C HIS A 263 -25.74 -8.30 42.73
N HIS A 264 -26.32 -8.64 41.58
CA HIS A 264 -27.69 -8.23 41.29
C HIS A 264 -28.69 -8.89 42.22
N ILE A 265 -28.50 -10.17 42.56
CA ILE A 265 -29.47 -10.83 43.44
C ILE A 265 -29.38 -10.26 44.86
N ILE A 266 -28.17 -9.88 45.29
CA ILE A 266 -28.02 -9.27 46.61
C ILE A 266 -28.66 -7.88 46.62
N HIS A 267 -28.47 -7.12 45.55
CA HIS A 267 -29.13 -5.82 45.45
C HIS A 267 -30.64 -5.96 45.49
N LEU A 268 -31.19 -6.94 44.75
CA LEU A 268 -32.64 -7.15 44.75
C LEU A 268 -33.14 -7.57 46.12
N TRP A 269 -32.40 -8.45 46.81
CA TRP A 269 -32.81 -8.89 48.13
C TRP A 269 -32.76 -7.74 49.13
N ALA A 270 -31.77 -6.87 49.01
CA ALA A 270 -31.65 -5.74 49.93
C ALA A 270 -32.67 -4.65 49.63
N GLU A 271 -33.11 -4.55 48.38
CA GLU A 271 -34.07 -3.50 48.00
C GLU A 271 -35.52 -3.92 48.20
N PHE A 272 -35.84 -5.20 48.01
CA PHE A 272 -37.22 -5.68 48.14
C PHE A 272 -37.38 -6.66 49.30
N GLY A 273 -36.64 -6.47 50.38
CA GLY A 273 -36.77 -7.35 51.52
C GLY A 273 -35.91 -6.87 52.68
N VAL A 274 -35.78 -7.75 53.67
CA VAL A 274 -34.97 -7.47 54.86
C VAL A 274 -33.66 -8.24 54.74
N PHE A 275 -32.55 -7.54 54.93
CA PHE A 275 -31.23 -8.14 54.82
C PHE A 275 -30.67 -8.44 56.21
N PRO A 276 -30.54 -9.71 56.59
CA PRO A 276 -30.05 -10.02 57.93
C PRO A 276 -28.59 -9.64 58.11
N LEU A 277 -28.26 -9.14 59.31
CA LEU A 277 -26.90 -8.74 59.64
C LEU A 277 -26.21 -9.91 60.33
N THR A 278 -25.83 -10.90 59.53
CA THR A 278 -25.19 -12.12 59.98
C THR A 278 -23.85 -12.28 59.29
N PRO A 279 -22.92 -13.03 59.89
CA PRO A 279 -21.64 -13.28 59.21
C PRO A 279 -21.80 -13.97 57.86
N ALA A 280 -22.84 -14.80 57.71
CA ALA A 280 -23.09 -15.43 56.41
C ALA A 280 -23.41 -14.38 55.36
N SER A 281 -24.17 -13.35 55.74
CA SER A 281 -24.46 -12.26 54.79
C SER A 281 -23.21 -11.49 54.43
N PHE A 282 -22.31 -11.28 55.40
CA PHE A 282 -21.04 -10.63 55.11
C PHE A 282 -20.21 -11.46 54.13
N LEU A 283 -20.16 -12.78 54.34
CA LEU A 283 -19.43 -13.65 53.42
C LEU A 283 -20.06 -13.64 52.04
N PHE A 284 -21.39 -13.59 51.97
CA PHE A 284 -22.07 -13.52 50.69
C PHE A 284 -21.74 -12.23 49.95
N ARG A 285 -21.75 -11.10 50.67
CA ARG A 285 -21.39 -9.82 50.05
C ARG A 285 -19.95 -9.83 49.59
N ILE A 286 -19.05 -10.41 50.39
CA ILE A 286 -17.63 -10.47 50.01
C ILE A 286 -17.45 -11.32 48.77
N THR A 287 -18.14 -12.45 48.69
CA THR A 287 -18.05 -13.31 47.51
C THR A 287 -18.64 -12.64 46.28
N ALA A 288 -19.71 -11.86 46.47
CA ALA A 288 -20.31 -11.14 45.35
C ALA A 288 -19.34 -10.09 44.81
N HIS A 289 -18.70 -9.33 45.72
CA HIS A 289 -17.70 -8.35 45.29
C HIS A 289 -16.51 -9.03 44.61
N CYS A 290 -16.07 -10.17 45.15
CA CYS A 290 -14.95 -10.88 44.55
C CYS A 290 -15.29 -11.37 43.15
N LEU A 291 -16.51 -11.87 42.95
CA LEU A 291 -16.92 -12.32 41.62
C LEU A 291 -17.07 -11.15 40.65
N ALA A 292 -17.62 -10.03 41.13
CA ALA A 292 -17.75 -8.86 40.28
C ALA A 292 -16.41 -8.29 39.87
N TYR A 293 -15.40 -8.41 40.73
CA TYR A 293 -14.06 -7.96 40.37
C TYR A 293 -13.35 -8.98 39.48
N SER A 294 -13.56 -10.28 39.73
CA SER A 294 -12.95 -11.30 38.91
C SER A 294 -13.49 -11.29 37.49
N ASN A 295 -14.76 -10.90 37.31
CA ASN A 295 -15.30 -10.74 35.96
C ASN A 295 -14.45 -9.77 35.15
N SER A 296 -14.22 -8.57 35.69
CA SER A 296 -13.44 -7.55 34.99
C SER A 296 -11.95 -7.89 34.94
N SER A 297 -11.47 -8.73 35.86
CA SER A 297 -10.06 -9.11 35.81
C SER A 297 -9.79 -10.23 34.81
N VAL A 298 -10.79 -11.07 34.54
CA VAL A 298 -10.60 -12.20 33.64
C VAL A 298 -11.11 -11.89 32.23
N ASN A 299 -11.96 -10.87 32.08
CA ASN A 299 -12.38 -10.44 30.74
C ASN A 299 -11.21 -10.14 29.81
N PRO A 300 -10.13 -9.48 30.26
CA PRO A 300 -9.00 -9.27 29.35
C PRO A 300 -8.29 -10.54 28.93
N ILE A 301 -8.35 -11.62 29.74
CA ILE A 301 -7.66 -12.86 29.38
C ILE A 301 -8.59 -13.90 28.76
N ILE A 302 -9.85 -13.54 28.49
CA ILE A 302 -10.79 -14.43 27.83
C ILE A 302 -10.96 -14.06 26.36
N TYR A 303 -11.35 -12.82 26.07
CA TYR A 303 -11.48 -12.36 24.70
C TYR A 303 -10.14 -12.03 24.06
N ALA A 304 -9.08 -11.89 24.86
CA ALA A 304 -7.72 -11.73 24.37
C ALA A 304 -6.85 -12.84 24.94
N PHE A 305 -5.64 -12.95 24.41
CA PHE A 305 -4.64 -13.97 24.75
C PHE A 305 -5.05 -15.37 24.30
N LEU A 306 -6.25 -15.54 23.72
CA LEU A 306 -6.68 -16.83 23.21
C LEU A 306 -6.81 -16.87 21.70
N SER A 307 -7.06 -15.73 21.05
CA SER A 307 -7.10 -15.69 19.60
C SER A 307 -5.68 -15.81 19.03
N GLU A 308 -5.56 -16.52 17.91
CA GLU A 308 -4.24 -16.70 17.30
C GLU A 308 -3.66 -15.38 16.81
N ASN A 309 -4.51 -14.51 16.26
CA ASN A 309 -4.02 -13.22 15.76
C ASN A 309 -3.55 -12.33 16.90
N PHE A 310 -4.26 -12.36 18.04
CA PHE A 310 -3.85 -11.54 19.17
C PHE A 310 -2.52 -12.02 19.75
N ARG A 311 -2.35 -13.34 19.88
CA ARG A 311 -1.08 -13.87 20.35
C ARG A 311 0.04 -13.58 19.37
N LYS A 312 -0.25 -13.64 18.08
CA LYS A 312 0.76 -13.30 17.07
C LYS A 312 1.19 -11.84 17.20
N ALA A 313 0.22 -10.92 17.30
CA ALA A 313 0.55 -9.51 17.49
C ALA A 313 1.32 -9.28 18.78
N TYR A 314 0.96 -9.99 19.85
CA TYR A 314 1.69 -9.86 21.11
C TYR A 314 3.15 -10.30 20.95
N LYS A 315 3.37 -11.51 20.42
CA LYS A 315 4.73 -12.00 20.25
C LYS A 315 5.51 -11.19 19.22
N GLN A 316 4.82 -10.43 18.36
CA GLN A 316 5.52 -9.63 17.36
C GLN A 316 5.93 -8.27 17.91
N VAL A 317 5.02 -7.60 18.62
CA VAL A 317 5.28 -6.21 19.01
C VAL A 317 5.82 -6.09 20.44
N PHE A 318 5.56 -7.08 21.30
CA PHE A 318 6.02 -6.98 22.69
C PHE A 318 7.43 -7.54 22.86
N LYS A 319 7.63 -8.79 22.44
CA LYS A 319 8.95 -9.41 22.59
C LYS A 319 9.92 -8.94 21.51
N CYS A 320 9.45 -8.79 20.27
CA CYS A 320 10.31 -8.34 19.18
C CYS A 320 10.05 -6.87 18.86
N CYS B 3 -3.16 27.59 3.79
CA CYS B 3 -2.60 28.66 4.62
C CYS B 3 -1.44 29.34 3.91
N THR B 4 -0.32 28.65 3.79
CA THR B 4 0.89 29.16 3.14
C THR B 4 1.04 28.62 1.72
N LEU B 5 -0.03 28.12 1.13
CA LEU B 5 0.01 27.57 -0.22
C LEU B 5 -0.70 28.51 -1.19
N SER B 6 -0.27 28.45 -2.45
CA SER B 6 -0.85 29.28 -3.50
C SER B 6 -2.08 28.59 -4.10
N ALA B 7 -2.69 29.27 -5.07
CA ALA B 7 -3.88 28.72 -5.73
C ALA B 7 -3.55 27.43 -6.46
N GLU B 8 -2.44 27.42 -7.20
CA GLU B 8 -2.04 26.19 -7.90
C GLU B 8 -1.72 25.07 -6.92
N ASP B 9 -1.13 25.42 -5.78
CA ASP B 9 -0.85 24.41 -4.76
C ASP B 9 -2.14 23.84 -4.18
N LYS B 10 -3.14 24.69 -3.93
CA LYS B 10 -4.42 24.21 -3.43
C LYS B 10 -5.11 23.32 -4.46
N ALA B 11 -5.03 23.70 -5.74
CA ALA B 11 -5.63 22.87 -6.78
C ALA B 11 -4.90 21.53 -6.90
N ALA B 12 -3.58 21.53 -6.72
CA ALA B 12 -2.84 20.27 -6.74
C ALA B 12 -3.21 19.40 -5.56
N VAL B 13 -3.42 20.00 -4.38
CA VAL B 13 -3.85 19.24 -3.21
C VAL B 13 -5.23 18.64 -3.45
N GLU B 14 -6.12 19.41 -4.08
CA GLU B 14 -7.45 18.90 -4.40
C GLU B 14 -7.37 17.74 -5.39
N ARG B 15 -6.51 17.87 -6.40
CA ARG B 15 -6.31 16.78 -7.35
C ARG B 15 -5.76 15.54 -6.65
N SER B 16 -4.83 15.72 -5.72
CA SER B 16 -4.28 14.58 -4.98
C SER B 16 -5.36 13.93 -4.11
N LYS B 17 -6.23 14.74 -3.52
CA LYS B 17 -7.33 14.18 -2.72
C LYS B 17 -8.30 13.40 -3.60
N MET B 18 -8.59 13.91 -4.80
CA MET B 18 -9.45 13.17 -5.72
C MET B 18 -8.80 11.86 -6.15
N ILE B 19 -7.49 11.88 -6.39
CA ILE B 19 -6.77 10.65 -6.74
C ILE B 19 -6.83 9.65 -5.58
N ASP B 20 -6.68 10.15 -4.35
CA ASP B 20 -6.79 9.28 -3.18
C ASP B 20 -8.17 8.66 -3.08
N ARG B 21 -9.22 9.47 -3.32
CA ARG B 21 -10.58 8.95 -3.29
C ARG B 21 -10.78 7.87 -4.34
N ASN B 22 -10.29 8.12 -5.57
CA ASN B 22 -10.43 7.13 -6.63
C ASN B 22 -9.68 5.84 -6.29
N LEU B 23 -8.47 5.96 -5.73
CA LEU B 23 -7.71 4.78 -5.38
C LEU B 23 -8.38 3.99 -4.27
N ARG B 24 -8.93 4.69 -3.27
CA ARG B 24 -9.64 3.99 -2.20
C ARG B 24 -10.90 3.30 -2.72
N GLU B 25 -11.61 3.95 -3.64
CA GLU B 25 -12.80 3.34 -4.23
C GLU B 25 -12.42 2.09 -5.03
N ASP B 26 -11.35 2.18 -5.83
CA ASP B 26 -10.91 1.01 -6.58
C ASP B 26 -10.47 -0.11 -5.67
N GLY B 27 -9.79 0.22 -4.57
CA GLY B 27 -9.37 -0.81 -3.63
C GLY B 27 -10.53 -1.47 -2.93
N GLU B 28 -11.53 -0.68 -2.52
CA GLU B 28 -12.71 -1.26 -1.87
C GLU B 28 -13.51 -2.10 -2.84
N LYS B 29 -13.49 -1.74 -4.14
CA LYS B 29 -14.20 -2.54 -5.13
C LYS B 29 -13.46 -3.82 -5.45
N ALA B 30 -12.12 -3.80 -5.43
CA ALA B 30 -11.34 -4.98 -5.76
C ALA B 30 -11.19 -5.93 -4.58
N ALA B 31 -11.32 -5.43 -3.35
CA ALA B 31 -11.15 -6.28 -2.18
C ALA B 31 -12.30 -7.25 -1.96
N ARG B 32 -13.35 -7.21 -2.76
CA ARG B 32 -14.48 -8.11 -2.62
C ARG B 32 -14.43 -9.29 -3.60
N GLU B 33 -13.42 -9.36 -4.45
CA GLU B 33 -13.30 -10.43 -5.42
C GLU B 33 -12.42 -11.55 -4.87
N VAL B 34 -12.69 -12.77 -5.33
CA VAL B 34 -11.98 -13.96 -4.88
C VAL B 34 -10.83 -14.23 -5.84
N LYS B 35 -9.64 -14.42 -5.29
CA LYS B 35 -8.43 -14.68 -6.07
C LYS B 35 -7.99 -16.11 -5.85
N LEU B 36 -7.98 -16.90 -6.93
CA LEU B 36 -7.58 -18.30 -6.88
C LEU B 36 -6.34 -18.52 -7.74
N LEU B 37 -5.44 -19.38 -7.27
CA LEU B 37 -4.21 -19.68 -7.98
C LEU B 37 -4.33 -21.05 -8.63
N LEU B 38 -4.27 -21.09 -9.96
CA LEU B 38 -4.43 -22.33 -10.72
C LEU B 38 -3.06 -22.94 -10.99
N LEU B 39 -2.95 -24.25 -10.75
CA LEU B 39 -1.70 -24.96 -10.95
C LEU B 39 -1.99 -26.37 -11.46
N GLY B 40 -0.97 -26.98 -12.07
CA GLY B 40 -1.10 -28.31 -12.60
C GLY B 40 0.02 -28.62 -13.56
N ALA B 41 0.35 -29.92 -13.65
CA ALA B 41 1.41 -30.37 -14.54
C ALA B 41 0.94 -30.34 -15.99
N GLY B 42 1.85 -30.73 -16.89
CA GLY B 42 1.51 -30.76 -18.30
C GLY B 42 0.46 -31.80 -18.61
N GLU B 43 -0.35 -31.48 -19.63
CA GLU B 43 -1.46 -32.31 -20.13
C GLU B 43 -2.29 -32.93 -19.00
N SER B 44 -2.40 -32.24 -17.88
CA SER B 44 -3.18 -32.73 -16.74
C SER B 44 -4.64 -32.30 -16.80
N GLY B 45 -5.09 -31.74 -17.92
CA GLY B 45 -6.47 -31.32 -18.05
C GLY B 45 -6.77 -29.92 -17.54
N LYS B 46 -5.75 -29.09 -17.32
CA LYS B 46 -5.98 -27.74 -16.84
C LYS B 46 -6.75 -26.92 -17.88
N ASN B 47 -6.40 -27.09 -19.16
CA ASN B 47 -7.13 -26.38 -20.22
C ASN B 47 -8.58 -26.80 -20.26
N THR B 48 -8.86 -28.09 -20.08
CA THR B 48 -10.24 -28.55 -20.06
C THR B 48 -11.01 -27.94 -18.89
N ILE B 49 -10.37 -27.82 -17.72
CA ILE B 49 -11.02 -27.24 -16.56
C ILE B 49 -11.32 -25.76 -16.79
N VAL B 50 -10.32 -25.02 -17.30
CA VAL B 50 -10.53 -23.59 -17.53
C VAL B 50 -11.51 -23.35 -18.66
N LYS B 51 -11.71 -24.31 -19.56
CA LYS B 51 -12.71 -24.16 -20.61
C LYS B 51 -14.10 -24.48 -20.08
N GLN B 52 -14.23 -25.53 -19.27
CA GLN B 52 -15.53 -25.90 -18.72
C GLN B 52 -16.04 -24.84 -17.74
N MET B 53 -15.16 -24.34 -16.88
CA MET B 53 -15.56 -23.33 -15.91
C MET B 53 -15.90 -22.00 -16.56
N LYS B 54 -15.40 -21.75 -17.78
CA LYS B 54 -15.68 -20.50 -18.48
C LYS B 54 -16.96 -20.61 -19.29
N THR B 182 0.80 -15.95 -23.83
CA THR B 182 1.92 -15.05 -23.59
C THR B 182 2.52 -15.29 -22.21
N GLY B 183 1.89 -14.71 -21.19
CA GLY B 183 2.34 -14.90 -19.82
C GLY B 183 1.26 -15.42 -18.91
N ILE B 184 1.00 -14.71 -17.81
CA ILE B 184 -0.05 -15.11 -16.89
C ILE B 184 -1.41 -14.75 -17.48
N VAL B 185 -2.36 -15.67 -17.33
CA VAL B 185 -3.70 -15.51 -17.88
C VAL B 185 -4.67 -15.28 -16.73
N GLU B 186 -5.58 -14.33 -16.91
CA GLU B 186 -6.62 -14.05 -15.94
C GLU B 186 -7.96 -14.55 -16.46
N THR B 187 -8.78 -15.09 -15.55
CA THR B 187 -10.10 -15.58 -15.90
C THR B 187 -11.10 -15.10 -14.86
N HIS B 188 -12.23 -14.56 -15.32
CA HIS B 188 -13.24 -13.97 -14.46
C HIS B 188 -14.50 -14.79 -14.50
N PHE B 189 -15.00 -15.16 -13.31
CA PHE B 189 -16.23 -15.93 -13.17
C PHE B 189 -17.19 -15.19 -12.26
N THR B 190 -18.49 -15.30 -12.57
CA THR B 190 -19.54 -14.72 -11.77
C THR B 190 -20.49 -15.82 -11.34
N PHE B 191 -20.57 -16.06 -10.02
CA PHE B 191 -21.38 -17.16 -9.51
C PHE B 191 -21.89 -16.80 -8.12
N LYS B 192 -23.21 -16.80 -7.97
CA LYS B 192 -23.87 -16.52 -6.68
C LYS B 192 -23.39 -15.20 -6.09
N ASP B 193 -23.42 -14.16 -6.91
CA ASP B 193 -23.01 -12.80 -6.58
C ASP B 193 -21.53 -12.70 -6.23
N LEU B 194 -20.75 -13.76 -6.41
CA LEU B 194 -19.33 -13.75 -6.13
C LEU B 194 -18.54 -13.65 -7.43
N HIS B 195 -17.50 -12.81 -7.42
CA HIS B 195 -16.64 -12.59 -8.57
C HIS B 195 -15.30 -13.28 -8.31
N PHE B 196 -15.09 -14.42 -8.96
CA PHE B 196 -13.85 -15.17 -8.84
C PHE B 196 -12.88 -14.75 -9.93
N LYS B 197 -11.61 -14.62 -9.56
CA LYS B 197 -10.55 -14.27 -10.50
C LYS B 197 -9.45 -15.31 -10.41
N MET B 198 -9.39 -16.21 -11.38
CA MET B 198 -8.44 -17.30 -11.40
C MET B 198 -7.23 -16.92 -12.23
N PHE B 199 -6.04 -17.31 -11.76
CA PHE B 199 -4.77 -16.98 -12.39
C PHE B 199 -4.13 -18.25 -12.91
N ASP B 200 -4.07 -18.38 -14.24
CA ASP B 200 -3.41 -19.51 -14.88
C ASP B 200 -1.98 -19.11 -15.21
N VAL B 201 -1.02 -19.85 -14.67
CA VAL B 201 0.40 -19.57 -14.85
C VAL B 201 1.01 -20.44 -15.95
N GLY B 202 0.18 -21.04 -16.81
CA GLY B 202 0.66 -21.86 -17.89
C GLY B 202 1.60 -21.14 -18.83
N ALA B 203 2.45 -21.90 -19.52
CA ALA B 203 3.41 -21.40 -20.50
C ALA B 203 4.47 -20.50 -19.88
N GLN B 204 4.48 -20.41 -18.55
CA GLN B 204 5.51 -19.65 -17.83
C GLN B 204 6.55 -20.64 -17.31
N ARG B 205 7.53 -20.93 -18.16
CA ARG B 205 8.59 -21.89 -17.84
C ARG B 205 9.80 -21.13 -17.32
N SER B 206 9.86 -20.99 -16.00
CA SER B 206 10.96 -20.31 -15.33
C SER B 206 11.04 -20.82 -13.89
N GLU B 207 11.96 -20.26 -13.12
CA GLU B 207 12.13 -20.64 -11.72
C GLU B 207 10.99 -20.05 -10.89
N ARG B 208 10.18 -20.92 -10.29
CA ARG B 208 9.02 -20.45 -9.54
C ARG B 208 9.43 -19.74 -8.25
N LYS B 209 10.62 -20.02 -7.73
CA LYS B 209 11.07 -19.45 -6.47
C LYS B 209 11.28 -17.95 -6.54
N LYS B 210 11.17 -17.34 -7.73
CA LYS B 210 11.39 -15.91 -7.88
C LYS B 210 10.09 -15.11 -8.07
N TRP B 211 8.97 -15.79 -8.34
CA TRP B 211 7.71 -15.10 -8.58
C TRP B 211 6.53 -15.73 -7.85
N ILE B 212 6.73 -16.79 -7.06
CA ILE B 212 5.62 -17.40 -6.35
C ILE B 212 5.18 -16.53 -5.17
N HIS B 213 6.12 -15.79 -4.57
CA HIS B 213 5.79 -14.94 -3.44
C HIS B 213 4.82 -13.83 -3.81
N CYS B 214 4.69 -13.52 -5.11
CA CYS B 214 3.71 -12.53 -5.53
C CYS B 214 2.28 -13.04 -5.37
N PHE B 215 2.09 -14.35 -5.24
CA PHE B 215 0.77 -14.92 -5.05
C PHE B 215 0.43 -15.18 -3.58
N GLU B 216 1.22 -14.62 -2.67
CA GLU B 216 0.94 -14.79 -1.24
C GLU B 216 -0.29 -13.99 -0.85
N GLY B 217 -1.35 -14.69 -0.44
CA GLY B 217 -2.59 -14.05 -0.03
C GLY B 217 -3.80 -14.46 -0.84
N VAL B 218 -3.68 -15.42 -1.77
CA VAL B 218 -4.84 -15.84 -2.55
C VAL B 218 -5.81 -16.61 -1.65
N THR B 219 -7.05 -16.72 -2.12
CA THR B 219 -8.08 -17.42 -1.36
C THR B 219 -7.81 -18.92 -1.32
N ALA B 220 -7.51 -19.53 -2.47
CA ALA B 220 -7.26 -20.96 -2.55
C ALA B 220 -6.38 -21.25 -3.74
N ILE B 221 -5.80 -22.45 -3.72
CA ILE B 221 -4.94 -22.94 -4.80
C ILE B 221 -5.61 -24.16 -5.41
N ILE B 222 -6.13 -24.00 -6.61
CA ILE B 222 -6.66 -25.12 -7.38
C ILE B 222 -5.51 -25.86 -8.03
N PHE B 223 -5.51 -27.18 -7.90
CA PHE B 223 -4.43 -28.01 -8.42
C PHE B 223 -5.03 -29.16 -9.21
N CYS B 224 -4.75 -29.20 -10.51
CA CYS B 224 -5.31 -30.21 -11.41
C CYS B 224 -4.30 -31.34 -11.59
N VAL B 225 -4.78 -32.58 -11.43
CA VAL B 225 -3.96 -33.78 -11.59
C VAL B 225 -4.72 -34.76 -12.47
N ALA B 226 -4.03 -35.31 -13.47
CA ALA B 226 -4.61 -36.31 -14.36
C ALA B 226 -4.31 -37.70 -13.82
N LEU B 227 -5.36 -38.48 -13.58
CA LEU B 227 -5.17 -39.83 -13.04
C LEU B 227 -4.56 -40.76 -14.09
N SER B 228 -4.90 -40.56 -15.36
CA SER B 228 -4.42 -41.41 -16.43
C SER B 228 -2.90 -41.34 -16.57
N ASP B 229 -2.28 -40.37 -15.90
CA ASP B 229 -0.83 -40.25 -15.88
C ASP B 229 -0.17 -41.17 -14.86
N TYR B 230 -0.93 -42.09 -14.26
CA TYR B 230 -0.37 -42.96 -13.23
C TYR B 230 0.62 -43.96 -13.79
N ASP B 231 0.56 -44.27 -15.09
CA ASP B 231 1.45 -45.25 -15.71
C ASP B 231 2.07 -44.70 -16.99
N LEU B 232 2.42 -43.42 -17.00
CA LEU B 232 3.03 -42.77 -18.16
C LEU B 232 4.30 -42.05 -17.73
N VAL B 233 5.28 -42.01 -18.62
CA VAL B 233 6.54 -41.33 -18.34
C VAL B 233 6.36 -39.82 -18.57
N LEU B 234 7.22 -39.04 -17.92
CA LEU B 234 7.17 -37.58 -18.02
C LEU B 234 7.82 -37.09 -19.31
N ALA B 235 7.25 -37.54 -20.43
CA ALA B 235 7.63 -37.12 -21.78
C ALA B 235 9.04 -37.58 -22.16
N GLU B 236 9.73 -38.25 -21.23
CA GLU B 236 11.06 -38.79 -21.49
C GLU B 236 11.22 -40.10 -20.76
N ASP B 237 11.93 -41.05 -21.38
CA ASP B 237 12.14 -42.35 -20.77
C ASP B 237 13.24 -42.27 -19.71
N GLU B 238 12.95 -41.55 -18.62
CA GLU B 238 13.89 -41.39 -17.52
C GLU B 238 13.47 -42.14 -16.26
N GLU B 239 12.60 -43.14 -16.40
CA GLU B 239 12.06 -43.93 -15.30
C GLU B 239 11.32 -43.09 -14.26
N MET B 240 10.96 -41.85 -14.60
CA MET B 240 10.24 -40.96 -13.70
C MET B 240 8.78 -40.90 -14.13
N ASN B 241 7.90 -41.54 -13.37
CA ASN B 241 6.49 -41.55 -13.69
C ASN B 241 5.89 -40.16 -13.51
N ARG B 242 4.84 -39.88 -14.29
CA ARG B 242 4.16 -38.59 -14.18
C ARG B 242 3.48 -38.44 -12.82
N MET B 243 3.01 -39.56 -12.26
CA MET B 243 2.39 -39.52 -10.94
C MET B 243 3.39 -39.08 -9.87
N HIS B 244 4.63 -39.57 -9.96
CA HIS B 244 5.65 -39.18 -8.99
C HIS B 244 6.00 -37.71 -9.12
N ALA B 245 6.08 -37.21 -10.36
CA ALA B 245 6.35 -35.78 -10.56
C ALA B 245 5.21 -34.93 -10.03
N SER B 246 3.96 -35.38 -10.23
CA SER B 246 2.82 -34.64 -9.71
C SER B 246 2.83 -34.63 -8.18
N MET B 247 3.16 -35.76 -7.56
CA MET B 247 3.26 -35.80 -6.10
C MET B 247 4.38 -34.89 -5.60
N LYS B 248 5.51 -34.87 -6.31
CA LYS B 248 6.61 -33.99 -5.92
C LYS B 248 6.19 -32.53 -6.00
N LEU B 249 5.53 -32.14 -7.10
CA LEU B 249 5.06 -30.76 -7.23
C LEU B 249 4.05 -30.42 -6.15
N PHE B 250 3.16 -31.36 -5.83
CA PHE B 250 2.14 -31.10 -4.82
C PHE B 250 2.77 -30.91 -3.43
N ASP B 251 3.66 -31.82 -3.05
CA ASP B 251 4.30 -31.70 -1.73
C ASP B 251 5.34 -30.59 -1.68
N SER B 252 5.76 -30.05 -2.83
CA SER B 252 6.63 -28.88 -2.83
C SER B 252 5.83 -27.60 -2.66
N ILE B 253 4.71 -27.49 -3.38
CA ILE B 253 3.88 -26.29 -3.25
C ILE B 253 3.05 -26.30 -1.98
N CYS B 254 2.88 -27.46 -1.34
CA CYS B 254 2.10 -27.51 -0.10
C CYS B 254 2.94 -27.08 1.10
N ASN B 255 4.18 -27.56 1.19
CA ASN B 255 5.08 -27.23 2.28
C ASN B 255 5.84 -25.93 2.05
N ASN B 256 5.35 -25.08 1.14
CA ASN B 256 6.03 -23.82 0.86
C ASN B 256 5.81 -22.83 2.02
N LYS B 257 6.80 -21.95 2.21
CA LYS B 257 6.75 -21.00 3.31
C LYS B 257 5.75 -19.88 3.07
N TRP B 258 5.35 -19.64 1.82
CA TRP B 258 4.43 -18.57 1.50
C TRP B 258 2.97 -18.99 1.53
N PHE B 259 2.69 -20.28 1.62
CA PHE B 259 1.31 -20.76 1.64
C PHE B 259 1.07 -21.68 2.84
N THR B 260 1.50 -21.24 4.02
CA THR B 260 1.34 -22.03 5.24
C THR B 260 -0.11 -22.12 5.71
N ASP B 261 -1.02 -21.31 5.16
CA ASP B 261 -2.40 -21.34 5.58
C ASP B 261 -3.39 -21.24 4.40
N THR B 262 -2.92 -21.44 3.17
CA THR B 262 -3.78 -21.36 2.00
C THR B 262 -4.37 -22.72 1.68
N SER B 263 -5.69 -22.77 1.52
CA SER B 263 -6.36 -24.03 1.22
C SER B 263 -6.03 -24.50 -0.19
N ILE B 264 -6.08 -25.80 -0.39
CA ILE B 264 -5.76 -26.44 -1.67
C ILE B 264 -6.96 -27.25 -2.12
N ILE B 265 -7.40 -27.00 -3.34
CA ILE B 265 -8.53 -27.72 -3.93
C ILE B 265 -7.98 -28.61 -5.04
N LEU B 266 -7.96 -29.92 -4.79
CA LEU B 266 -7.39 -30.88 -5.72
C LEU B 266 -8.48 -31.41 -6.65
N PHE B 267 -8.23 -31.33 -7.95
CA PHE B 267 -9.15 -31.83 -8.97
C PHE B 267 -8.49 -32.96 -9.74
N LEU B 268 -9.02 -34.17 -9.57
CA LEU B 268 -8.53 -35.36 -10.27
C LEU B 268 -9.35 -35.52 -11.55
N ASN B 269 -8.76 -35.15 -12.67
CA ASN B 269 -9.45 -35.17 -13.94
C ASN B 269 -9.21 -36.48 -14.68
N LYS B 270 -9.90 -36.64 -15.81
CA LYS B 270 -9.72 -37.78 -16.72
C LYS B 270 -10.02 -39.11 -16.02
N LYS B 271 -11.15 -39.19 -15.32
CA LYS B 271 -11.55 -40.45 -14.71
C LYS B 271 -12.28 -41.35 -15.70
N ASP B 272 -12.89 -40.79 -16.74
CA ASP B 272 -13.56 -41.60 -17.74
C ASP B 272 -12.58 -42.48 -18.51
N LEU B 273 -11.31 -42.07 -18.60
CA LEU B 273 -10.27 -42.92 -19.17
C LEU B 273 -9.61 -43.80 -18.11
N PHE B 274 -9.54 -43.33 -16.87
CA PHE B 274 -9.01 -44.15 -15.78
C PHE B 274 -9.86 -45.40 -15.57
N GLU B 275 -11.18 -45.28 -15.78
CA GLU B 275 -12.08 -46.42 -15.61
C GLU B 275 -11.71 -47.57 -16.54
N GLU B 276 -11.15 -47.26 -17.71
CA GLU B 276 -10.70 -48.29 -18.64
C GLU B 276 -9.23 -48.62 -18.49
N LYS B 277 -8.42 -47.66 -18.00
CA LYS B 277 -7.00 -47.93 -17.84
C LYS B 277 -6.73 -48.82 -16.63
N ILE B 278 -7.64 -48.83 -15.65
CA ILE B 278 -7.45 -49.71 -14.51
C ILE B 278 -7.57 -51.17 -14.90
N LYS B 279 -8.39 -51.47 -15.91
CA LYS B 279 -8.57 -52.84 -16.36
C LYS B 279 -7.47 -53.31 -17.31
N LYS B 280 -6.60 -52.41 -17.76
CA LYS B 280 -5.51 -52.77 -18.66
C LYS B 280 -4.14 -52.65 -18.03
N SER B 281 -3.99 -51.91 -16.94
CA SER B 281 -2.70 -51.76 -16.27
C SER B 281 -2.90 -51.59 -14.78
N PRO B 282 -2.33 -52.48 -13.96
CA PRO B 282 -2.51 -52.36 -12.51
C PRO B 282 -1.86 -51.10 -11.95
N LEU B 283 -2.33 -50.69 -10.76
CA LEU B 283 -1.78 -49.51 -10.11
C LEU B 283 -0.40 -49.75 -9.53
N THR B 284 0.05 -51.01 -9.46
CA THR B 284 1.36 -51.32 -8.89
C THR B 284 2.52 -50.85 -9.75
N ILE B 285 2.25 -50.26 -10.91
CA ILE B 285 3.33 -49.76 -11.75
C ILE B 285 4.04 -48.59 -11.08
N CYS B 286 3.28 -47.72 -10.40
CA CYS B 286 3.86 -46.58 -9.71
C CYS B 286 3.80 -46.69 -8.19
N TYR B 287 2.91 -47.53 -7.65
CA TYR B 287 2.76 -47.72 -6.21
C TYR B 287 2.98 -49.20 -5.91
N PRO B 288 4.22 -49.61 -5.63
CA PRO B 288 4.47 -51.03 -5.34
C PRO B 288 3.80 -51.52 -4.07
N GLU B 289 3.57 -50.64 -3.10
CA GLU B 289 2.94 -51.03 -1.84
C GLU B 289 1.42 -51.11 -1.93
N TYR B 290 0.86 -51.01 -3.13
CA TYR B 290 -0.59 -51.14 -3.28
C TYR B 290 -1.01 -52.59 -3.13
N ALA B 291 -2.07 -52.81 -2.35
CA ALA B 291 -2.55 -54.15 -2.03
C ALA B 291 -4.06 -54.25 -2.22
N GLY B 292 -4.56 -53.75 -3.35
CA GLY B 292 -5.95 -53.81 -3.69
C GLY B 292 -6.22 -54.56 -4.97
N SER B 293 -7.39 -54.32 -5.54
CA SER B 293 -7.82 -54.94 -6.79
C SER B 293 -7.90 -53.87 -7.87
N ASN B 294 -8.34 -54.29 -9.06
CA ASN B 294 -8.46 -53.39 -10.21
C ASN B 294 -9.88 -52.85 -10.30
N THR B 295 -10.24 -52.08 -9.28
CA THR B 295 -11.53 -51.41 -9.22
C THR B 295 -11.32 -49.91 -9.04
N TYR B 296 -12.26 -49.13 -9.56
CA TYR B 296 -12.09 -47.67 -9.56
C TYR B 296 -12.22 -47.09 -8.15
N GLU B 297 -13.14 -47.63 -7.34
CA GLU B 297 -13.46 -47.02 -6.05
C GLU B 297 -12.26 -47.02 -5.11
N GLU B 298 -11.73 -48.21 -4.79
CA GLU B 298 -10.64 -48.29 -3.83
C GLU B 298 -9.34 -47.71 -4.38
N ALA B 299 -9.12 -47.81 -5.70
CA ALA B 299 -7.94 -47.21 -6.28
C ALA B 299 -7.98 -45.69 -6.18
N ALA B 300 -9.13 -45.10 -6.50
CA ALA B 300 -9.28 -43.65 -6.36
C ALA B 300 -9.15 -43.23 -4.90
N ALA B 301 -9.70 -44.03 -3.97
CA ALA B 301 -9.57 -43.72 -2.56
C ALA B 301 -8.11 -43.75 -2.11
N TYR B 302 -7.35 -44.75 -2.58
CA TYR B 302 -5.94 -44.84 -2.23
C TYR B 302 -5.15 -43.69 -2.82
N ILE B 303 -5.47 -43.29 -4.06
CA ILE B 303 -4.79 -42.15 -4.67
C ILE B 303 -5.08 -40.87 -3.90
N GLN B 304 -6.35 -40.68 -3.49
CA GLN B 304 -6.70 -39.51 -2.70
C GLN B 304 -5.99 -39.51 -1.35
N CYS B 305 -5.89 -40.68 -0.72
CA CYS B 305 -5.19 -40.76 0.57
C CYS B 305 -3.71 -40.46 0.41
N GLN B 306 -3.08 -40.97 -0.66
CA GLN B 306 -1.67 -40.68 -0.90
C GLN B 306 -1.45 -39.21 -1.21
N PHE B 307 -2.40 -38.58 -1.88
CA PHE B 307 -2.29 -37.14 -2.15
C PHE B 307 -2.46 -36.32 -0.88
N GLU B 308 -3.38 -36.74 0.00
CA GLU B 308 -3.63 -35.99 1.23
C GLU B 308 -2.55 -36.22 2.29
N ASP B 309 -1.86 -37.35 2.25
CA ASP B 309 -0.81 -37.61 3.24
C ASP B 309 0.42 -36.74 3.04
N LEU B 310 0.55 -36.07 1.90
CA LEU B 310 1.67 -35.17 1.67
C LEU B 310 1.60 -33.89 2.48
N ASN B 311 0.43 -33.53 2.99
CA ASN B 311 0.28 -32.32 3.80
C ASN B 311 0.80 -32.59 5.21
N LYS B 312 1.86 -31.89 5.59
CA LYS B 312 2.42 -32.04 6.93
C LYS B 312 1.63 -31.25 7.95
N ARG B 313 1.33 -29.98 7.64
CA ARG B 313 0.59 -29.10 8.55
C ARG B 313 -0.91 -29.26 8.30
N LYS B 314 -1.44 -30.39 8.79
CA LYS B 314 -2.85 -30.70 8.61
C LYS B 314 -3.75 -29.86 9.52
N ASP B 315 -3.19 -29.10 10.46
CA ASP B 315 -4.00 -28.30 11.38
C ASP B 315 -4.37 -26.94 10.82
N THR B 316 -3.47 -26.32 10.05
CA THR B 316 -3.69 -24.98 9.50
C THR B 316 -3.88 -24.99 7.99
N LYS B 317 -4.23 -26.14 7.41
CA LYS B 317 -4.42 -26.24 5.97
C LYS B 317 -5.45 -27.32 5.67
N GLU B 318 -6.40 -27.01 4.79
CA GLU B 318 -7.43 -27.93 4.38
C GLU B 318 -7.24 -28.29 2.90
N ILE B 319 -7.50 -29.55 2.57
CA ILE B 319 -7.35 -30.06 1.21
C ILE B 319 -8.70 -30.57 0.74
N TYR B 320 -9.22 -29.98 -0.33
CA TYR B 320 -10.49 -30.39 -0.93
C TYR B 320 -10.21 -31.24 -2.16
N THR B 321 -10.89 -32.39 -2.25
CA THR B 321 -10.70 -33.32 -3.35
C THR B 321 -12.04 -33.54 -4.06
N HIS B 322 -11.99 -33.54 -5.39
CA HIS B 322 -13.19 -33.75 -6.20
C HIS B 322 -12.79 -34.46 -7.49
N PHE B 323 -13.47 -35.56 -7.79
CA PHE B 323 -13.18 -36.36 -8.97
C PHE B 323 -13.85 -35.72 -10.18
N THR B 324 -13.06 -35.25 -11.12
CA THR B 324 -13.55 -34.58 -12.33
C THR B 324 -13.39 -35.48 -13.54
N CYS B 325 -14.20 -35.22 -14.56
CA CYS B 325 -14.14 -35.94 -15.83
C CYS B 325 -14.19 -34.92 -16.95
N SER B 326 -14.35 -35.42 -18.18
CA SER B 326 -14.38 -34.54 -19.35
C SER B 326 -15.74 -33.89 -19.56
N THR B 327 -16.80 -34.41 -18.95
CA THR B 327 -18.15 -33.88 -19.13
C THR B 327 -18.79 -33.48 -17.80
N ASP B 328 -17.98 -33.16 -16.78
CA ASP B 328 -18.51 -32.77 -15.48
C ASP B 328 -18.88 -31.29 -15.48
N THR B 329 -20.05 -30.99 -14.92
CA THR B 329 -20.55 -29.62 -14.85
C THR B 329 -20.60 -29.07 -13.43
N LYS B 330 -20.39 -29.91 -12.42
CA LYS B 330 -20.47 -29.50 -11.02
C LYS B 330 -19.13 -28.99 -10.49
N ASN B 331 -18.21 -28.60 -11.37
CA ASN B 331 -16.92 -28.08 -10.91
C ASN B 331 -17.09 -26.69 -10.29
N VAL B 332 -17.85 -25.82 -10.94
CA VAL B 332 -18.05 -24.47 -10.43
C VAL B 332 -18.77 -24.49 -9.08
N GLN B 333 -19.71 -25.43 -8.90
CA GLN B 333 -20.41 -25.53 -7.62
C GLN B 333 -19.46 -25.96 -6.51
N PHE B 334 -18.59 -26.93 -6.79
CA PHE B 334 -17.62 -27.36 -5.78
C PHE B 334 -16.63 -26.25 -5.46
N VAL B 335 -16.20 -25.49 -6.47
CA VAL B 335 -15.30 -24.37 -6.23
C VAL B 335 -15.99 -23.31 -5.37
N PHE B 336 -17.25 -23.03 -5.65
CA PHE B 336 -18.00 -22.05 -4.86
C PHE B 336 -18.15 -22.52 -3.42
N ASP B 337 -18.45 -23.81 -3.23
CA ASP B 337 -18.58 -24.34 -1.87
C ASP B 337 -17.26 -24.26 -1.11
N ALA B 338 -16.15 -24.59 -1.78
CA ALA B 338 -14.85 -24.51 -1.13
C ALA B 338 -14.49 -23.07 -0.78
N VAL B 339 -14.80 -22.13 -1.68
CA VAL B 339 -14.53 -20.72 -1.40
C VAL B 339 -15.35 -20.24 -0.21
N THR B 340 -16.63 -20.61 -0.16
CA THR B 340 -17.46 -20.22 0.97
C THR B 340 -16.94 -20.83 2.27
N ASP B 341 -16.47 -22.08 2.22
CA ASP B 341 -15.92 -22.71 3.41
C ASP B 341 -14.66 -21.99 3.88
N VAL B 342 -13.79 -21.61 2.94
CA VAL B 342 -12.57 -20.90 3.30
C VAL B 342 -12.90 -19.54 3.88
N ILE B 343 -13.91 -18.86 3.32
CA ILE B 343 -14.31 -17.55 3.84
C ILE B 343 -14.88 -17.69 5.25
N ILE B 344 -15.68 -18.73 5.49
CA ILE B 344 -16.23 -18.95 6.82
C ILE B 344 -15.11 -19.23 7.81
N LYS B 345 -14.12 -20.03 7.41
CA LYS B 345 -13.00 -20.32 8.29
C LYS B 345 -12.19 -19.07 8.60
N ASN B 346 -11.97 -18.22 7.60
CA ASN B 346 -11.23 -16.98 7.82
C ASN B 346 -11.99 -16.03 8.74
N ASN B 347 -13.32 -15.99 8.59
CA ASN B 347 -14.13 -15.13 9.45
C ASN B 347 -14.18 -15.68 10.88
N LEU B 348 -14.10 -17.00 11.03
CA LEU B 348 -14.00 -17.58 12.37
C LEU B 348 -12.64 -17.27 12.99
N LYS B 349 -11.59 -17.26 12.16
CA LYS B 349 -10.24 -17.05 12.69
C LYS B 349 -10.00 -15.59 13.07
N ASP B 350 -10.37 -14.65 12.20
CA ASP B 350 -10.01 -13.26 12.46
C ASP B 350 -10.88 -12.62 13.53
N CYS B 351 -12.09 -13.13 13.75
CA CYS B 351 -12.97 -12.58 14.77
C CYS B 351 -12.63 -13.05 16.17
N GLY B 352 -11.65 -13.94 16.32
CA GLY B 352 -11.24 -14.40 17.63
C GLY B 352 -12.10 -15.47 18.25
N LEU B 353 -12.90 -16.19 17.45
CA LEU B 353 -13.76 -17.25 17.95
C LEU B 353 -13.00 -18.55 18.22
N PHE B 354 -11.68 -18.58 18.09
CA PHE B 354 -10.91 -19.79 18.36
C PHE B 354 -10.25 -19.71 19.74
N SER C 13 33.60 -38.26 -29.38
CA SER C 13 34.77 -38.04 -28.54
C SER C 13 35.22 -36.58 -28.59
N GLU C 14 34.33 -35.71 -29.06
CA GLU C 14 34.65 -34.29 -29.15
C GLU C 14 34.04 -33.49 -28.01
N LEU C 15 32.97 -33.99 -27.40
CA LEU C 15 32.32 -33.27 -26.30
C LEU C 15 33.25 -33.16 -25.10
N ASP C 16 33.86 -34.28 -24.69
CA ASP C 16 34.81 -34.24 -23.58
C ASP C 16 36.04 -33.40 -23.91
N GLN C 17 36.47 -33.40 -25.17
CA GLN C 17 37.61 -32.56 -25.56
C GLN C 17 37.26 -31.09 -25.43
N LEU C 18 36.06 -30.69 -25.88
CA LEU C 18 35.63 -29.31 -25.71
C LEU C 18 35.48 -28.95 -24.23
N ARG C 19 34.98 -29.88 -23.42
CA ARG C 19 34.83 -29.62 -21.99
C ARG C 19 36.18 -29.42 -21.32
N GLN C 20 37.15 -30.27 -21.65
CA GLN C 20 38.47 -30.13 -21.02
C GLN C 20 39.19 -28.88 -21.53
N GLU C 21 38.99 -28.50 -22.79
CA GLU C 21 39.54 -27.25 -23.29
C GLU C 21 38.93 -26.06 -22.56
N ALA C 22 37.62 -26.10 -22.32
CA ALA C 22 36.95 -25.02 -21.61
C ALA C 22 37.43 -24.94 -20.17
N GLU C 23 37.61 -26.08 -19.51
CA GLU C 23 38.09 -26.04 -18.14
C GLU C 23 39.55 -25.59 -18.06
N GLN C 24 40.36 -25.93 -19.06
CA GLN C 24 41.73 -25.42 -19.11
C GLN C 24 41.75 -23.92 -19.31
N LEU C 25 40.87 -23.40 -20.18
CA LEU C 25 40.80 -21.94 -20.35
C LEU C 25 40.32 -21.27 -19.07
N LYS C 26 39.37 -21.87 -18.37
CA LYS C 26 38.92 -21.31 -17.10
C LYS C 26 40.03 -21.32 -16.05
N ASN C 27 40.82 -22.40 -16.00
CA ASN C 27 41.95 -22.43 -15.08
C ASN C 27 42.99 -21.39 -15.44
N GLN C 28 43.23 -21.16 -16.73
CA GLN C 28 44.14 -20.11 -17.16
C GLN C 28 43.63 -18.74 -16.75
N ILE C 29 42.33 -18.50 -16.90
CA ILE C 29 41.75 -17.22 -16.48
C ILE C 29 41.89 -17.05 -14.96
N ARG C 30 41.65 -18.12 -14.21
CA ARG C 30 41.79 -18.04 -12.76
C ARG C 30 43.23 -17.74 -12.36
N ASP C 31 44.19 -18.38 -13.03
CA ASP C 31 45.60 -18.11 -12.74
C ASP C 31 45.97 -16.67 -13.09
N ALA C 32 45.46 -16.16 -14.21
CA ALA C 32 45.74 -14.78 -14.59
C ALA C 32 45.14 -13.80 -13.61
N ARG C 33 43.96 -14.13 -13.06
CA ARG C 33 43.35 -13.27 -12.05
C ARG C 33 44.13 -13.32 -10.75
N LYS C 34 44.59 -14.50 -10.35
CA LYS C 34 45.34 -14.64 -9.12
C LYS C 34 46.72 -13.99 -9.20
N ALA C 35 47.33 -13.97 -10.39
CA ALA C 35 48.66 -13.38 -10.55
C ALA C 35 48.64 -11.86 -10.53
N CYS C 36 47.47 -11.23 -10.53
CA CYS C 36 47.36 -9.78 -10.51
C CYS C 36 46.88 -9.23 -9.17
N ALA C 37 46.48 -10.10 -8.24
CA ALA C 37 45.99 -9.66 -6.93
C ALA C 37 47.19 -9.46 -6.01
N ASP C 38 47.62 -8.21 -5.85
CA ASP C 38 48.72 -7.91 -4.96
C ASP C 38 48.26 -7.86 -3.50
N ALA C 39 47.26 -7.01 -3.23
CA ALA C 39 46.74 -6.87 -1.89
C ALA C 39 45.24 -6.63 -1.97
N THR C 40 44.54 -6.98 -0.88
CA THR C 40 43.10 -6.79 -0.83
C THR C 40 42.74 -5.32 -0.66
N LEU C 41 41.46 -5.02 -0.82
CA LEU C 41 40.99 -3.64 -0.65
C LEU C 41 41.05 -3.22 0.82
N SER C 42 40.92 -4.17 1.74
CA SER C 42 40.97 -3.86 3.16
C SER C 42 42.35 -3.43 3.63
N GLN C 43 43.40 -3.63 2.82
CA GLN C 43 44.74 -3.22 3.17
C GLN C 43 45.13 -1.87 2.60
N ILE C 44 44.56 -1.48 1.45
CA ILE C 44 44.86 -0.18 0.86
C ILE C 44 44.11 0.92 1.58
N THR C 45 42.85 0.67 1.95
CA THR C 45 42.03 1.65 2.66
C THR C 45 42.09 1.49 4.17
N ASN C 46 43.19 0.97 4.70
CA ASN C 46 43.32 0.77 6.14
C ASN C 46 43.47 2.09 6.88
N ASN C 47 44.04 3.11 6.24
CA ASN C 47 44.24 4.41 6.86
C ASN C 47 43.07 5.37 6.62
N ILE C 48 42.02 4.92 5.94
CA ILE C 48 40.86 5.78 5.71
C ILE C 48 40.08 5.93 7.01
N ASP C 49 39.73 7.16 7.34
CA ASP C 49 38.98 7.44 8.55
C ASP C 49 37.58 6.82 8.44
N PRO C 50 37.05 6.22 9.51
CA PRO C 50 35.72 5.60 9.41
C PRO C 50 34.63 6.66 9.32
N VAL C 51 33.50 6.25 8.73
CA VAL C 51 32.37 7.16 8.58
C VAL C 51 31.74 7.45 9.94
N GLY C 52 31.57 6.43 10.76
CA GLY C 52 30.94 6.60 12.06
C GLY C 52 29.56 5.97 12.14
N ARG C 53 28.60 6.69 12.67
CA ARG C 53 27.23 6.22 12.82
C ARG C 53 26.31 7.06 11.93
N ILE C 54 25.56 6.39 11.07
CA ILE C 54 24.63 7.05 10.15
C ILE C 54 23.27 7.12 10.83
N GLN C 55 22.79 8.34 11.06
CA GLN C 55 21.50 8.58 11.72
C GLN C 55 20.59 9.30 10.73
N MET C 56 19.75 8.55 10.03
CA MET C 56 18.78 9.09 9.09
C MET C 56 17.37 8.95 9.66
N ARG C 57 16.55 9.96 9.44
CA ARG C 57 15.17 9.99 9.93
C ARG C 57 14.21 10.08 8.76
N THR C 58 13.06 9.43 8.92
CA THR C 58 12.03 9.44 7.89
C THR C 58 11.36 10.81 7.84
N ARG C 59 11.52 11.51 6.72
CA ARG C 59 10.97 12.85 6.57
C ARG C 59 9.56 12.84 5.99
N ARG C 60 9.30 11.99 4.99
CA ARG C 60 8.01 11.92 4.34
C ARG C 60 7.51 10.48 4.38
N THR C 61 6.19 10.33 4.28
CA THR C 61 5.54 9.02 4.26
C THR C 61 4.48 9.03 3.16
N LEU C 62 4.72 8.25 2.11
CA LEU C 62 3.81 8.20 0.97
C LEU C 62 2.81 7.06 1.16
N ARG C 63 1.56 7.41 1.42
CA ARG C 63 0.50 6.43 1.63
C ARG C 63 -0.46 6.45 0.44
N GLY C 64 -1.14 5.33 0.25
CA GLY C 64 -2.07 5.19 -0.86
C GLY C 64 -2.09 3.81 -1.49
N HIS C 65 -0.99 3.07 -1.34
CA HIS C 65 -0.90 1.72 -1.85
C HIS C 65 -1.65 0.75 -0.95
N LEU C 66 -2.29 -0.25 -1.56
CA LEU C 66 -3.03 -1.27 -0.84
C LEU C 66 -2.52 -2.68 -1.12
N ALA C 67 -1.26 -2.80 -1.52
CA ALA C 67 -0.67 -4.09 -1.84
C ALA C 67 0.84 -3.97 -1.71
N LYS C 68 1.55 -5.07 -2.00
CA LYS C 68 3.01 -5.08 -1.87
C LYS C 68 3.64 -4.26 -2.98
N ILE C 69 4.41 -3.25 -2.59
CA ILE C 69 5.13 -2.40 -3.53
C ILE C 69 6.40 -3.11 -3.96
N TYR C 70 6.60 -3.25 -5.28
CA TYR C 70 7.70 -4.05 -5.81
C TYR C 70 8.80 -3.23 -6.48
N ALA C 71 8.48 -2.05 -7.00
CA ALA C 71 9.45 -1.28 -7.75
C ALA C 71 9.31 0.20 -7.44
N MET C 72 10.39 0.94 -7.70
CA MET C 72 10.46 2.38 -7.47
C MET C 72 11.72 2.91 -8.12
N HIS C 73 11.63 4.09 -8.73
CA HIS C 73 12.77 4.67 -9.43
C HIS C 73 12.67 6.20 -9.37
N TRP C 74 13.81 6.83 -9.13
CA TRP C 74 13.86 8.29 -9.10
C TRP C 74 14.06 8.86 -10.50
N GLY C 75 13.61 10.09 -10.68
CA GLY C 75 13.81 10.78 -11.93
C GLY C 75 15.05 11.65 -11.93
N THR C 76 15.31 12.27 -13.08
CA THR C 76 16.47 13.14 -13.22
C THR C 76 16.32 14.47 -12.49
N ASP C 77 15.10 14.84 -12.09
CA ASP C 77 14.87 16.08 -11.37
C ASP C 77 14.98 15.91 -9.86
N SER C 78 15.14 14.68 -9.37
CA SER C 78 15.29 14.37 -7.95
C SER C 78 14.09 14.83 -7.12
N ARG C 79 12.96 15.10 -7.77
CA ARG C 79 11.76 15.54 -7.08
C ARG C 79 10.59 14.57 -7.26
N LEU C 80 10.33 14.14 -8.48
CA LEU C 80 9.23 13.21 -8.74
C LEU C 80 9.70 11.77 -8.52
N LEU C 81 8.75 10.92 -8.13
CA LEU C 81 9.03 9.52 -7.86
C LEU C 81 7.95 8.66 -8.47
N VAL C 82 8.30 7.44 -8.86
CA VAL C 82 7.35 6.48 -9.42
C VAL C 82 7.29 5.27 -8.49
N SER C 83 6.09 4.69 -8.35
CA SER C 83 5.89 3.53 -7.49
C SER C 83 4.91 2.58 -8.15
N ALA C 84 5.17 1.28 -7.98
CA ALA C 84 4.36 0.22 -8.54
C ALA C 84 4.15 -0.87 -7.50
N SER C 85 2.90 -1.33 -7.38
CA SER C 85 2.54 -2.37 -6.43
C SER C 85 1.66 -3.40 -7.13
N GLN C 86 1.16 -4.35 -6.34
CA GLN C 86 0.30 -5.42 -6.85
C GLN C 86 -1.14 -4.96 -7.09
N ASP C 87 -1.46 -3.70 -6.77
CA ASP C 87 -2.80 -3.19 -7.05
C ASP C 87 -3.03 -3.02 -8.54
N GLY C 88 -1.96 -2.92 -9.33
CA GLY C 88 -2.09 -2.74 -10.76
C GLY C 88 -2.21 -1.31 -11.21
N LYS C 89 -1.59 -0.38 -10.49
CA LYS C 89 -1.64 1.04 -10.84
C LYS C 89 -0.32 1.70 -10.49
N LEU C 90 0.27 2.39 -11.47
CA LEU C 90 1.47 3.19 -11.24
C LEU C 90 1.08 4.50 -10.57
N ILE C 91 1.85 4.91 -9.58
CA ILE C 91 1.61 6.16 -8.86
C ILE C 91 2.85 7.03 -8.96
N ILE C 92 2.69 8.22 -9.51
CA ILE C 92 3.77 9.21 -9.62
C ILE C 92 3.52 10.25 -8.55
N TRP C 93 4.44 10.33 -7.59
CA TRP C 93 4.34 11.20 -6.43
C TRP C 93 5.29 12.38 -6.56
N ASP C 94 4.93 13.48 -5.88
CA ASP C 94 5.84 14.60 -5.66
C ASP C 94 6.44 14.45 -4.27
N SER C 95 7.73 14.12 -4.22
CA SER C 95 8.38 13.79 -2.95
C SER C 95 8.43 14.97 -1.98
N TYR C 96 8.41 16.20 -2.48
CA TYR C 96 8.51 17.35 -1.60
C TYR C 96 7.19 17.63 -0.88
N THR C 97 6.07 17.35 -1.54
CA THR C 97 4.75 17.63 -0.97
C THR C 97 3.93 16.38 -0.72
N THR C 98 4.47 15.18 -0.99
CA THR C 98 3.78 13.91 -0.78
C THR C 98 2.45 13.84 -1.52
N ASN C 99 2.30 14.63 -2.58
CA ASN C 99 1.08 14.63 -3.37
C ASN C 99 1.22 13.69 -4.57
N LYS C 100 0.16 12.94 -4.83
CA LYS C 100 0.13 12.03 -5.98
C LYS C 100 -0.05 12.86 -7.24
N VAL C 101 1.01 12.99 -8.03
CA VAL C 101 0.94 13.78 -9.25
C VAL C 101 0.15 13.05 -10.33
N HIS C 102 0.37 11.74 -10.46
CA HIS C 102 -0.27 10.98 -11.53
C HIS C 102 -0.66 9.60 -11.03
N ALA C 103 -1.74 9.08 -11.60
CA ALA C 103 -2.22 7.71 -11.33
C ALA C 103 -2.52 7.05 -12.67
N ILE C 104 -1.76 6.01 -13.00
CA ILE C 104 -1.84 5.34 -14.28
C ILE C 104 -2.39 3.93 -14.07
N PRO C 105 -3.61 3.63 -14.53
CA PRO C 105 -4.10 2.25 -14.44
C PRO C 105 -3.34 1.32 -15.38
N LEU C 106 -3.11 0.11 -14.90
CA LEU C 106 -2.35 -0.89 -15.65
C LEU C 106 -3.24 -2.08 -16.01
N ARG C 107 -2.91 -2.72 -17.13
CA ARG C 107 -3.66 -3.90 -17.55
C ARG C 107 -3.22 -5.15 -16.81
N SER C 108 -2.04 -5.13 -16.21
CA SER C 108 -1.52 -6.26 -15.46
C SER C 108 -1.24 -5.83 -14.03
N SER C 109 -1.74 -6.60 -13.07
CA SER C 109 -1.55 -6.27 -11.67
C SER C 109 -0.19 -6.72 -11.14
N TRP C 110 0.35 -7.81 -11.67
CA TRP C 110 1.64 -8.35 -11.22
C TRP C 110 2.75 -7.53 -11.87
N VAL C 111 3.16 -6.48 -11.17
CA VAL C 111 4.23 -5.58 -11.63
C VAL C 111 5.45 -5.80 -10.75
N MET C 112 6.60 -6.03 -11.38
CA MET C 112 7.84 -6.28 -10.66
C MET C 112 8.96 -5.33 -11.05
N THR C 113 8.71 -4.38 -11.96
CA THR C 113 9.74 -3.45 -12.38
C THR C 113 9.07 -2.20 -12.94
N CYS C 114 9.79 -1.08 -12.83
CA CYS C 114 9.34 0.19 -13.38
C CYS C 114 10.56 1.05 -13.66
N ALA C 115 10.41 1.95 -14.64
CA ALA C 115 11.50 2.84 -15.02
C ALA C 115 10.95 4.21 -15.34
N TYR C 116 11.77 5.23 -15.12
CA TYR C 116 11.42 6.61 -15.39
C TYR C 116 12.37 7.14 -16.46
N ALA C 117 11.81 7.70 -17.52
CA ALA C 117 12.63 8.19 -18.62
C ALA C 117 13.49 9.36 -18.15
N PRO C 118 14.70 9.52 -18.70
CA PRO C 118 15.54 10.65 -18.29
C PRO C 118 14.97 12.00 -18.66
N SER C 119 14.10 12.06 -19.66
CA SER C 119 13.45 13.31 -20.02
C SER C 119 12.18 13.56 -19.21
N GLY C 120 11.60 12.53 -18.61
CA GLY C 120 10.39 12.66 -17.83
C GLY C 120 9.10 12.52 -18.62
N ASN C 121 9.16 12.00 -19.84
CA ASN C 121 7.98 11.90 -20.68
C ASN C 121 7.36 10.50 -20.69
N TYR C 122 8.15 9.46 -20.41
CA TYR C 122 7.67 8.09 -20.50
C TYR C 122 7.96 7.34 -19.21
N VAL C 123 7.13 6.32 -18.96
CA VAL C 123 7.27 5.46 -17.79
C VAL C 123 7.11 4.01 -18.23
N ALA C 124 7.99 3.15 -17.74
CA ALA C 124 8.00 1.74 -18.10
C ALA C 124 7.37 0.90 -17.01
N CYS C 125 6.84 -0.26 -17.41
CA CYS C 125 6.22 -1.19 -16.49
C CYS C 125 6.32 -2.60 -17.06
N GLY C 126 6.35 -3.57 -16.15
CA GLY C 126 6.49 -4.97 -16.58
C GLY C 126 6.35 -5.90 -15.39
N GLY C 127 6.13 -7.16 -15.72
CA GLY C 127 5.95 -8.18 -14.69
C GLY C 127 5.74 -9.57 -15.26
N LEU C 128 4.76 -10.30 -14.74
CA LEU C 128 4.47 -11.65 -15.17
C LEU C 128 3.75 -11.72 -16.51
N ASP C 129 3.47 -10.58 -17.14
CA ASP C 129 2.80 -10.56 -18.42
C ASP C 129 3.74 -10.70 -19.61
N ASN C 130 5.05 -10.72 -19.36
CA ASN C 130 6.08 -10.87 -20.39
C ASN C 130 6.03 -9.76 -21.44
N ILE C 131 5.36 -8.65 -21.13
CA ILE C 131 5.22 -7.52 -22.04
C ILE C 131 5.67 -6.26 -21.31
N CYS C 132 6.51 -5.47 -21.96
CA CYS C 132 7.00 -4.21 -21.41
C CYS C 132 6.11 -3.08 -21.90
N SER C 133 5.38 -2.46 -20.98
CA SER C 133 4.49 -1.36 -21.33
C SER C 133 5.21 -0.03 -21.10
N ILE C 134 5.06 0.88 -22.06
CA ILE C 134 5.63 2.22 -21.98
C ILE C 134 4.49 3.21 -22.16
N TYR C 135 4.26 4.04 -21.14
CA TYR C 135 3.19 5.03 -21.14
C TYR C 135 3.77 6.43 -21.24
N ASN C 136 3.09 7.29 -21.99
CA ASN C 136 3.52 8.68 -22.19
C ASN C 136 2.85 9.56 -21.14
N LEU C 137 3.65 10.43 -20.51
CA LEU C 137 3.13 11.30 -19.46
C LEU C 137 2.65 12.64 -19.98
N LYS C 138 3.35 13.23 -20.95
CA LYS C 138 3.01 14.55 -21.47
C LYS C 138 2.19 14.36 -22.75
N THR C 139 0.87 14.32 -22.58
CA THR C 139 -0.06 14.18 -23.69
C THR C 139 -0.96 15.41 -23.76
N ARG C 140 -1.28 15.83 -24.99
CA ARG C 140 -2.11 17.00 -25.19
C ARG C 140 -3.52 16.82 -24.64
N GLU C 141 -3.97 15.60 -24.44
CA GLU C 141 -5.29 15.32 -23.87
C GLU C 141 -5.29 15.38 -22.36
N GLY C 142 -4.13 15.50 -21.72
CA GLY C 142 -4.05 15.59 -20.27
C GLY C 142 -4.21 14.28 -19.53
N ASN C 143 -4.23 13.15 -20.24
CA ASN C 143 -4.33 11.85 -19.62
C ASN C 143 -3.10 11.01 -19.98
N VAL C 144 -3.11 9.76 -19.55
CA VAL C 144 -2.00 8.83 -19.80
C VAL C 144 -2.50 7.78 -20.78
N ARG C 145 -1.78 7.60 -21.88
CA ARG C 145 -2.13 6.65 -22.93
C ARG C 145 -1.07 5.56 -23.03
N VAL C 146 -1.48 4.41 -23.55
CA VAL C 146 -0.56 3.30 -23.76
C VAL C 146 0.28 3.63 -25.00
N SER C 147 1.50 4.12 -24.78
CA SER C 147 2.32 4.56 -25.90
C SER C 147 2.92 3.39 -26.66
N ARG C 148 3.36 2.36 -25.95
CA ARG C 148 4.01 1.23 -26.63
C ARG C 148 3.89 -0.03 -25.78
N GLU C 149 3.81 -1.17 -26.46
CA GLU C 149 3.79 -2.48 -25.83
C GLU C 149 4.80 -3.36 -26.53
N LEU C 150 5.89 -3.70 -25.83
CA LEU C 150 6.97 -4.51 -26.39
C LEU C 150 6.76 -5.96 -25.95
N ALA C 151 6.61 -6.85 -26.93
CA ALA C 151 6.43 -8.27 -26.69
C ALA C 151 7.53 -9.07 -27.39
N GLY C 152 7.68 -10.32 -26.97
CA GLY C 152 8.68 -11.19 -27.55
C GLY C 152 9.35 -12.12 -26.56
N HIS C 153 9.26 -11.76 -25.28
CA HIS C 153 9.82 -12.61 -24.23
C HIS C 153 8.83 -13.67 -23.80
N THR C 154 9.37 -14.80 -23.32
CA THR C 154 8.56 -15.89 -22.81
C THR C 154 8.65 -16.04 -21.29
N GLY C 155 9.49 -15.23 -20.62
CA GLY C 155 9.62 -15.27 -19.19
C GLY C 155 9.24 -13.93 -18.56
N TYR C 156 9.20 -13.93 -17.24
CA TYR C 156 8.80 -12.73 -16.51
C TYR C 156 9.85 -11.63 -16.67
N LEU C 157 9.36 -10.39 -16.72
CA LEU C 157 10.22 -9.22 -16.87
C LEU C 157 10.69 -8.77 -15.50
N SER C 158 12.02 -8.68 -15.33
CA SER C 158 12.60 -8.42 -14.03
C SER C 158 13.08 -6.99 -13.83
N CYS C 159 13.52 -6.31 -14.88
CA CYS C 159 14.04 -4.95 -14.72
C CYS C 159 13.84 -4.19 -16.02
N CYS C 160 13.78 -2.86 -15.89
CA CYS C 160 13.63 -1.96 -17.02
C CYS C 160 14.47 -0.72 -16.78
N ARG C 161 15.21 -0.30 -17.82
CA ARG C 161 16.07 0.86 -17.74
C ARG C 161 16.06 1.58 -19.09
N PHE C 162 15.81 2.89 -19.06
CA PHE C 162 15.79 3.69 -20.28
C PHE C 162 17.18 4.20 -20.62
N LEU C 163 17.58 4.04 -21.88
CA LEU C 163 18.80 4.69 -22.36
C LEU C 163 18.49 6.10 -22.85
N ASP C 164 17.42 6.26 -23.62
CA ASP C 164 16.97 7.55 -24.10
C ASP C 164 15.48 7.45 -24.40
N ASP C 165 14.93 8.46 -25.08
CA ASP C 165 13.51 8.46 -25.40
C ASP C 165 13.15 7.52 -26.55
N ASN C 166 14.13 6.82 -27.12
CA ASN C 166 13.89 5.94 -28.26
C ASN C 166 14.37 4.51 -28.05
N GLN C 167 15.21 4.25 -27.05
CA GLN C 167 15.75 2.92 -26.80
C GLN C 167 15.54 2.55 -25.34
N ILE C 168 15.32 1.26 -25.09
CA ILE C 168 15.08 0.76 -23.74
C ILE C 168 15.78 -0.58 -23.58
N VAL C 169 16.23 -0.87 -22.36
CA VAL C 169 16.92 -2.12 -22.03
C VAL C 169 16.06 -2.89 -21.04
N THR C 170 15.76 -4.15 -21.36
CA THR C 170 14.93 -4.99 -20.52
C THR C 170 15.63 -6.32 -20.27
N SER C 171 15.22 -6.97 -19.18
CA SER C 171 15.73 -8.29 -18.81
C SER C 171 14.55 -9.18 -18.45
N SER C 172 14.61 -10.44 -18.93
CA SER C 172 13.55 -11.40 -18.72
C SER C 172 14.14 -12.67 -18.11
N GLY C 173 13.24 -13.58 -17.72
CA GLY C 173 13.62 -14.86 -17.17
C GLY C 173 14.09 -15.89 -18.16
N ASP C 174 14.23 -15.51 -19.43
CA ASP C 174 14.70 -16.42 -20.47
C ASP C 174 16.22 -16.46 -20.58
N THR C 175 16.94 -16.08 -19.53
CA THR C 175 18.40 -16.03 -19.47
C THR C 175 19.00 -15.11 -20.52
N THR C 176 18.21 -14.19 -21.07
CA THR C 176 18.68 -13.26 -22.09
C THR C 176 18.22 -11.85 -21.77
N CYS C 177 18.98 -10.88 -22.26
CA CYS C 177 18.62 -9.47 -22.15
C CYS C 177 18.24 -8.94 -23.52
N ALA C 178 17.51 -7.83 -23.55
CA ALA C 178 17.02 -7.28 -24.79
C ALA C 178 17.16 -5.77 -24.80
N LEU C 179 17.41 -5.23 -25.99
CA LEU C 179 17.46 -3.80 -26.25
C LEU C 179 16.46 -3.50 -27.34
N TRP C 180 15.40 -2.77 -26.98
CA TRP C 180 14.28 -2.49 -27.87
C TRP C 180 14.32 -1.04 -28.34
N ASP C 181 13.85 -0.82 -29.56
CA ASP C 181 13.66 0.52 -30.10
C ASP C 181 12.19 0.91 -29.89
N ILE C 182 11.98 2.08 -29.28
CA ILE C 182 10.61 2.48 -28.92
C ILE C 182 9.81 2.87 -30.15
N GLU C 183 10.45 3.49 -31.14
CA GLU C 183 9.70 3.96 -32.31
C GLU C 183 9.24 2.80 -33.19
N THR C 184 10.03 1.74 -33.29
CA THR C 184 9.70 0.60 -34.14
C THR C 184 9.10 -0.57 -33.37
N GLY C 185 9.32 -0.66 -32.06
CA GLY C 185 8.78 -1.76 -31.28
C GLY C 185 9.39 -3.11 -31.56
N GLN C 186 10.50 -3.17 -32.27
CA GLN C 186 11.17 -4.43 -32.59
C GLN C 186 12.40 -4.62 -31.71
N GLN C 187 12.74 -5.87 -31.43
CA GLN C 187 13.90 -6.19 -30.63
C GLN C 187 15.17 -5.87 -31.42
N THR C 188 15.82 -4.77 -31.07
CA THR C 188 17.01 -4.34 -31.80
C THR C 188 18.21 -5.21 -31.48
N THR C 189 18.43 -5.50 -30.20
CA THR C 189 19.61 -6.26 -29.79
C THR C 189 19.21 -7.34 -28.79
N THR C 190 19.86 -8.50 -28.90
CA THR C 190 19.62 -9.62 -28.01
C THR C 190 20.94 -10.07 -27.39
N PHE C 191 20.97 -10.17 -26.06
CA PHE C 191 22.16 -10.59 -25.32
C PHE C 191 21.91 -11.97 -24.75
N THR C 192 22.67 -12.96 -25.24
CA THR C 192 22.56 -14.34 -24.81
C THR C 192 23.87 -14.81 -24.19
N GLY C 193 23.78 -15.81 -23.33
CA GLY C 193 24.95 -16.36 -22.69
C GLY C 193 24.74 -16.78 -21.24
N HIS C 194 23.69 -16.28 -20.61
CA HIS C 194 23.39 -16.64 -19.24
C HIS C 194 22.74 -18.02 -19.18
N THR C 195 22.83 -18.65 -18.01
CA THR C 195 22.17 -19.92 -17.75
C THR C 195 21.02 -19.82 -16.77
N GLY C 196 20.92 -18.72 -16.02
CA GLY C 196 19.83 -18.50 -15.09
C GLY C 196 19.07 -17.22 -15.42
N ASP C 197 17.94 -17.07 -14.73
CA ASP C 197 17.08 -15.92 -14.97
C ASP C 197 17.75 -14.64 -14.46
N VAL C 198 17.85 -13.66 -15.35
CA VAL C 198 18.43 -12.36 -15.01
C VAL C 198 17.45 -11.62 -14.11
N MET C 199 17.95 -11.13 -12.97
CA MET C 199 17.08 -10.53 -11.95
C MET C 199 17.14 -9.02 -11.89
N SER C 200 18.18 -8.39 -12.43
CA SER C 200 18.31 -6.94 -12.34
C SER C 200 19.24 -6.43 -13.43
N LEU C 201 19.21 -5.11 -13.62
CA LEU C 201 20.05 -4.44 -14.60
C LEU C 201 20.67 -3.21 -13.95
N SER C 202 21.67 -2.64 -14.62
CA SER C 202 22.34 -1.44 -14.14
C SER C 202 23.05 -0.78 -15.31
N LEU C 203 22.71 0.48 -15.58
CA LEU C 203 23.29 1.20 -16.71
C LEU C 203 24.54 1.96 -16.27
N ALA C 204 25.52 2.02 -17.17
CA ALA C 204 26.71 2.81 -16.91
C ALA C 204 26.39 4.29 -17.00
N PRO C 205 27.19 5.15 -16.35
CA PRO C 205 26.93 6.60 -16.44
C PRO C 205 26.95 7.15 -17.85
N ASP C 206 27.72 6.55 -18.75
CA ASP C 206 27.78 6.99 -20.14
C ASP C 206 26.87 6.19 -21.07
N THR C 207 26.10 5.25 -20.52
CA THR C 207 25.15 4.43 -21.29
C THR C 207 25.86 3.67 -22.42
N ARG C 208 27.05 3.15 -22.13
CA ARG C 208 27.81 2.34 -23.09
C ARG C 208 27.86 0.86 -22.71
N LEU C 209 28.00 0.55 -21.42
CA LEU C 209 28.05 -0.82 -20.93
C LEU C 209 26.94 -1.03 -19.90
N PHE C 210 26.66 -2.29 -19.62
CA PHE C 210 25.66 -2.59 -18.59
C PHE C 210 25.93 -3.97 -18.00
N VAL C 211 25.72 -4.09 -16.70
CA VAL C 211 25.90 -5.34 -15.98
C VAL C 211 24.54 -5.94 -15.68
N SER C 212 24.49 -7.28 -15.71
CA SER C 212 23.26 -8.02 -15.45
C SER C 212 23.59 -9.29 -14.69
N GLY C 213 22.98 -9.47 -13.53
CA GLY C 213 23.19 -10.65 -12.70
C GLY C 213 22.03 -11.62 -12.84
N ALA C 214 22.34 -12.92 -12.87
CA ALA C 214 21.35 -13.95 -13.07
C ALA C 214 21.28 -14.85 -11.84
N CYS C 215 20.35 -15.82 -11.89
CA CYS C 215 20.14 -16.75 -10.79
C CYS C 215 21.21 -17.84 -10.72
N ASP C 216 22.19 -17.83 -11.62
CA ASP C 216 23.27 -18.80 -11.62
C ASP C 216 24.45 -18.33 -10.77
N ALA C 217 24.22 -17.41 -9.83
CA ALA C 217 25.28 -16.86 -8.98
C ALA C 217 26.39 -16.24 -9.82
N SER C 218 26.01 -15.51 -10.87
CA SER C 218 26.98 -14.92 -11.77
C SER C 218 26.38 -13.69 -12.44
N ALA C 219 27.24 -12.70 -12.68
CA ALA C 219 26.89 -11.48 -13.40
C ALA C 219 27.71 -11.38 -14.67
N LYS C 220 27.19 -10.66 -15.64
CA LYS C 220 27.87 -10.45 -16.91
C LYS C 220 27.78 -8.99 -17.31
N LEU C 221 28.92 -8.44 -17.72
CA LEU C 221 29.01 -7.08 -18.24
C LEU C 221 29.02 -7.13 -19.76
N TRP C 222 28.03 -6.50 -20.37
CA TRP C 222 27.85 -6.48 -21.81
C TRP C 222 28.01 -5.07 -22.35
N ASP C 223 28.32 -4.97 -23.65
CA ASP C 223 28.38 -3.71 -24.35
C ASP C 223 27.08 -3.49 -25.11
N VAL C 224 26.60 -2.24 -25.15
CA VAL C 224 25.33 -1.94 -25.79
C VAL C 224 25.48 -1.90 -27.31
N ARG C 225 26.49 -1.20 -27.80
CA ARG C 225 26.65 -0.99 -29.24
C ARG C 225 27.20 -2.21 -29.97
N GLU C 226 27.63 -3.25 -29.25
CA GLU C 226 28.19 -4.44 -29.88
C GLU C 226 27.36 -5.70 -29.66
N GLY C 227 26.57 -5.78 -28.59
CA GLY C 227 25.74 -6.94 -28.35
C GLY C 227 26.50 -8.19 -27.97
N MET C 228 27.75 -8.06 -27.53
CA MET C 228 28.57 -9.19 -27.13
C MET C 228 28.84 -9.14 -25.63
N CYS C 229 29.16 -10.30 -25.06
CA CYS C 229 29.46 -10.41 -23.64
C CYS C 229 30.91 -9.96 -23.41
N ARG C 230 31.07 -8.81 -22.76
CA ARG C 230 32.42 -8.29 -22.51
C ARG C 230 33.12 -9.06 -21.41
N GLN C 231 32.53 -9.10 -20.21
CA GLN C 231 33.18 -9.75 -19.08
C GLN C 231 32.16 -10.54 -18.28
N THR C 232 32.67 -11.44 -17.43
CA THR C 232 31.84 -12.29 -16.59
C THR C 232 32.45 -12.34 -15.19
N PHE C 233 31.61 -12.21 -14.17
CA PHE C 233 32.03 -12.22 -12.78
C PHE C 233 31.24 -13.28 -12.02
N THR C 234 31.94 -14.01 -11.14
CA THR C 234 31.34 -15.02 -10.29
C THR C 234 31.83 -14.82 -8.86
N GLY C 235 31.40 -15.70 -7.97
CA GLY C 235 31.83 -15.63 -6.58
C GLY C 235 30.71 -15.91 -5.58
N HIS C 236 29.47 -15.67 -5.99
CA HIS C 236 28.33 -15.87 -5.11
C HIS C 236 27.96 -17.35 -5.03
N GLU C 237 27.24 -17.70 -3.96
CA GLU C 237 26.77 -19.06 -3.75
C GLU C 237 25.26 -19.20 -3.92
N SER C 238 24.53 -18.10 -4.07
CA SER C 238 23.08 -18.14 -4.23
C SER C 238 22.71 -17.23 -5.40
N ASP C 239 21.41 -17.12 -5.65
CA ASP C 239 20.95 -16.31 -6.76
C ASP C 239 21.11 -14.82 -6.47
N ILE C 240 21.58 -14.08 -7.47
CA ILE C 240 21.80 -12.64 -7.35
C ILE C 240 20.48 -11.93 -7.67
N ASN C 241 19.98 -11.14 -6.73
CA ASN C 241 18.69 -10.48 -6.89
C ASN C 241 18.79 -9.00 -7.23
N ALA C 242 19.94 -8.38 -7.01
CA ALA C 242 20.08 -6.95 -7.27
C ALA C 242 21.49 -6.66 -7.77
N ILE C 243 21.64 -5.50 -8.41
CA ILE C 243 22.92 -5.06 -8.93
C ILE C 243 22.85 -3.55 -9.13
N CYS C 244 24.02 -2.89 -9.07
CA CYS C 244 24.07 -1.44 -9.20
C CYS C 244 25.48 -1.04 -9.62
N PHE C 245 25.57 -0.11 -10.57
CA PHE C 245 26.86 0.35 -11.06
C PHE C 245 27.44 1.40 -10.11
N PHE C 246 28.77 1.51 -10.12
CA PHE C 246 29.44 2.54 -9.34
C PHE C 246 29.20 3.91 -9.97
N PRO C 247 29.21 4.98 -9.18
CA PRO C 247 29.02 6.32 -9.76
C PRO C 247 30.01 6.68 -10.86
N ASN C 248 31.21 6.11 -10.84
CA ASN C 248 32.20 6.38 -11.87
C ASN C 248 32.18 5.35 -12.99
N GLY C 249 31.41 4.27 -12.86
CA GLY C 249 31.31 3.28 -13.89
C GLY C 249 32.45 2.28 -13.95
N ASN C 250 33.27 2.19 -12.90
CA ASN C 250 34.40 1.26 -12.88
C ASN C 250 34.22 0.16 -11.84
N ALA C 251 33.04 0.01 -11.26
CA ALA C 251 32.78 -1.02 -10.27
C ALA C 251 31.29 -1.29 -10.22
N PHE C 252 30.92 -2.39 -9.55
CA PHE C 252 29.51 -2.73 -9.41
C PHE C 252 29.33 -3.67 -8.22
N ALA C 253 28.22 -3.49 -7.52
CA ALA C 253 27.89 -4.30 -6.35
C ALA C 253 26.75 -5.25 -6.68
N THR C 254 26.80 -6.44 -6.08
CA THR C 254 25.82 -7.49 -6.28
C THR C 254 25.36 -8.01 -4.93
N GLY C 255 24.06 -8.20 -4.79
CA GLY C 255 23.48 -8.79 -3.59
C GLY C 255 22.77 -10.09 -3.94
N SER C 256 22.99 -11.11 -3.12
CA SER C 256 22.46 -12.44 -3.36
C SER C 256 21.74 -12.93 -2.10
N ASP C 257 21.16 -14.13 -2.19
CA ASP C 257 20.38 -14.69 -1.10
C ASP C 257 21.25 -15.30 -0.01
N ASP C 258 22.57 -15.32 -0.18
CA ASP C 258 23.48 -15.89 0.81
C ASP C 258 23.81 -14.92 1.93
N ALA C 259 23.05 -13.83 2.07
CA ALA C 259 23.24 -12.83 3.11
C ALA C 259 24.63 -12.19 3.06
N THR C 260 25.25 -12.17 1.88
CA THR C 260 26.57 -11.60 1.70
C THR C 260 26.60 -10.80 0.40
N CYS C 261 26.95 -9.53 0.49
CA CYS C 261 27.05 -8.65 -0.67
C CYS C 261 28.49 -8.64 -1.18
N ARG C 262 28.65 -8.34 -2.47
CA ARG C 262 29.97 -8.31 -3.06
C ARG C 262 30.11 -7.06 -3.92
N LEU C 263 31.35 -6.61 -4.09
CA LEU C 263 31.68 -5.44 -4.89
C LEU C 263 32.86 -5.78 -5.77
N PHE C 264 32.62 -5.83 -7.08
CA PHE C 264 33.63 -6.17 -8.08
C PHE C 264 34.05 -4.94 -8.84
N ASP C 265 35.24 -5.01 -9.44
CA ASP C 265 35.79 -3.95 -10.27
C ASP C 265 35.78 -4.39 -11.73
N LEU C 266 35.62 -3.43 -12.64
CA LEU C 266 35.57 -3.73 -14.06
C LEU C 266 36.96 -3.92 -14.67
N ARG C 267 37.90 -3.03 -14.36
CA ARG C 267 39.24 -3.13 -14.93
C ARG C 267 40.06 -4.23 -14.26
N ALA C 268 39.72 -4.60 -13.03
CA ALA C 268 40.45 -5.65 -12.32
C ALA C 268 39.94 -7.04 -12.66
N ASP C 269 38.66 -7.17 -13.00
CA ASP C 269 38.05 -8.47 -13.36
C ASP C 269 38.18 -9.48 -12.22
N GLN C 270 38.21 -8.99 -10.98
CA GLN C 270 38.32 -9.84 -9.79
C GLN C 270 37.34 -9.36 -8.74
N GLU C 271 37.25 -10.12 -7.65
CA GLU C 271 36.44 -9.72 -6.52
C GLU C 271 37.22 -8.75 -5.64
N LEU C 272 36.66 -7.57 -5.42
CA LEU C 272 37.35 -6.50 -4.71
C LEU C 272 36.95 -6.41 -3.24
N MET C 273 35.67 -6.49 -2.92
CA MET C 273 35.23 -6.36 -1.54
C MET C 273 34.05 -7.28 -1.27
N THR C 274 33.95 -7.76 -0.03
CA THR C 274 32.85 -8.60 0.39
C THR C 274 32.31 -8.08 1.72
N TYR C 275 30.98 -8.04 1.84
CA TYR C 275 30.29 -7.59 3.04
C TYR C 275 29.48 -8.75 3.58
N SER C 276 29.83 -9.22 4.77
CA SER C 276 29.13 -10.34 5.39
C SER C 276 29.05 -10.10 6.89
N HIS C 277 28.10 -10.77 7.53
CA HIS C 277 27.90 -10.67 8.96
C HIS C 277 27.22 -11.93 9.46
N ASP C 278 27.61 -12.35 10.67
CA ASP C 278 27.06 -13.59 11.23
C ASP C 278 25.60 -13.40 11.65
N ASN C 279 25.24 -12.20 12.08
CA ASN C 279 23.88 -11.91 12.54
C ASN C 279 22.90 -11.68 11.38
N ILE C 280 23.36 -11.84 10.14
CA ILE C 280 22.51 -11.66 8.96
C ILE C 280 22.46 -12.98 8.22
N ILE C 281 21.26 -13.56 8.10
CA ILE C 281 21.07 -14.82 7.40
C ILE C 281 19.97 -14.65 6.37
N CYS C 282 19.58 -13.40 6.11
CA CYS C 282 18.52 -13.09 5.16
C CYS C 282 19.11 -12.56 3.86
N GLY C 283 18.41 -12.85 2.75
CA GLY C 283 18.90 -12.46 1.45
C GLY C 283 18.73 -10.98 1.19
N ILE C 284 19.39 -10.52 0.12
CA ILE C 284 19.36 -9.12 -0.27
C ILE C 284 18.38 -8.97 -1.42
N THR C 285 17.57 -7.90 -1.38
CA THR C 285 16.58 -7.65 -2.42
C THR C 285 16.88 -6.43 -3.27
N SER C 286 17.65 -5.46 -2.76
CA SER C 286 17.94 -4.25 -3.49
C SER C 286 19.30 -3.71 -3.06
N VAL C 287 20.05 -3.20 -4.03
CA VAL C 287 21.37 -2.64 -3.79
C VAL C 287 21.49 -1.33 -4.57
N SER C 288 21.98 -0.29 -3.90
CA SER C 288 22.15 1.01 -4.54
C SER C 288 23.30 1.74 -3.87
N PHE C 289 23.90 2.66 -4.63
CA PHE C 289 25.02 3.47 -4.16
C PHE C 289 24.56 4.90 -3.93
N SER C 290 25.41 5.66 -3.22
CA SER C 290 25.17 7.07 -2.99
C SER C 290 25.76 7.88 -4.14
N LYS C 291 25.80 9.21 -3.96
CA LYS C 291 26.36 10.08 -5.00
C LYS C 291 27.88 9.95 -5.07
N SER C 292 28.54 9.86 -3.92
CA SER C 292 30.00 9.76 -3.88
C SER C 292 30.50 8.33 -3.94
N GLY C 293 29.64 7.34 -3.66
CA GLY C 293 30.05 5.96 -3.67
C GLY C 293 30.71 5.48 -2.39
N ARG C 294 30.70 6.29 -1.33
CA ARG C 294 31.30 5.90 -0.06
C ARG C 294 30.40 4.96 0.74
N LEU C 295 29.09 5.20 0.73
CA LEU C 295 28.14 4.36 1.45
C LEU C 295 27.41 3.46 0.47
N LEU C 296 27.10 2.25 0.92
CA LEU C 296 26.39 1.26 0.11
C LEU C 296 25.14 0.82 0.87
N LEU C 297 23.97 1.15 0.34
CA LEU C 297 22.70 0.81 0.98
C LEU C 297 22.18 -0.50 0.39
N ALA C 298 21.74 -1.40 1.27
CA ALA C 298 21.25 -2.70 0.84
C ALA C 298 20.03 -3.08 1.67
N GLY C 299 18.96 -3.48 0.99
CA GLY C 299 17.76 -3.93 1.66
C GLY C 299 17.77 -5.44 1.84
N TYR C 300 17.45 -5.87 3.06
CA TYR C 300 17.45 -7.27 3.44
C TYR C 300 16.04 -7.72 3.80
N ASP C 301 15.90 -8.99 4.15
CA ASP C 301 14.61 -9.54 4.54
C ASP C 301 14.36 -9.41 6.03
N ASP C 302 15.26 -8.78 6.78
CA ASP C 302 15.12 -8.60 8.22
C ASP C 302 14.30 -7.36 8.58
N PHE C 303 13.46 -6.88 7.65
CA PHE C 303 12.54 -5.76 7.85
C PHE C 303 13.26 -4.42 8.02
N ASN C 304 14.53 -4.33 7.60
CA ASN C 304 15.26 -3.08 7.66
C ASN C 304 16.37 -3.09 6.62
N CYS C 305 16.97 -1.93 6.40
CA CYS C 305 18.05 -1.76 5.44
C CYS C 305 19.36 -1.48 6.17
N ASN C 306 20.47 -1.85 5.54
CA ASN C 306 21.79 -1.64 6.13
C ASN C 306 22.65 -0.81 5.19
N VAL C 307 23.31 0.20 5.74
CA VAL C 307 24.21 1.06 5.00
C VAL C 307 25.62 0.73 5.46
N TRP C 308 26.41 0.13 4.57
CA TRP C 308 27.76 -0.30 4.86
C TRP C 308 28.76 0.71 4.29
N ASP C 309 29.97 0.71 4.86
CA ASP C 309 31.07 1.53 4.36
C ASP C 309 31.74 0.77 3.22
N ALA C 310 31.64 1.34 2.01
CA ALA C 310 32.17 0.66 0.83
C ALA C 310 33.68 0.51 0.86
N LEU C 311 34.38 1.35 1.63
CA LEU C 311 35.84 1.30 1.69
C LEU C 311 36.37 0.51 2.88
N LYS C 312 35.55 0.26 3.90
CA LYS C 312 35.99 -0.45 5.09
C LYS C 312 35.14 -1.68 5.43
N ALA C 313 34.07 -1.94 4.69
CA ALA C 313 33.19 -3.09 4.88
C ALA C 313 32.56 -3.14 6.27
N ASP C 314 32.47 -2.01 6.96
CA ASP C 314 31.87 -1.96 8.29
C ASP C 314 30.45 -1.40 8.21
N ARG C 315 29.61 -1.85 9.13
CA ARG C 315 28.23 -1.39 9.20
C ARG C 315 28.21 0.07 9.64
N ALA C 316 27.83 0.96 8.73
CA ALA C 316 27.79 2.39 9.04
C ALA C 316 26.45 2.82 9.62
N GLY C 317 25.35 2.20 9.19
CA GLY C 317 24.05 2.61 9.72
C GLY C 317 22.99 1.56 9.44
N VAL C 318 21.90 1.68 10.18
CA VAL C 318 20.73 0.81 10.03
C VAL C 318 19.50 1.69 9.88
N LEU C 319 18.67 1.38 8.89
CA LEU C 319 17.44 2.12 8.62
C LEU C 319 16.27 1.18 8.83
N ALA C 320 15.55 1.37 9.94
CA ALA C 320 14.41 0.54 10.29
C ALA C 320 13.14 1.38 10.31
N GLY C 321 12.00 0.70 10.31
CA GLY C 321 10.72 1.37 10.32
C GLY C 321 9.69 0.68 9.44
N HIS C 322 10.11 -0.37 8.75
CA HIS C 322 9.23 -1.15 7.88
C HIS C 322 8.86 -2.46 8.56
N ASP C 323 7.60 -2.86 8.39
CA ASP C 323 7.07 -4.08 8.99
C ASP C 323 7.02 -5.25 8.01
N ASN C 324 7.72 -5.15 6.88
CA ASN C 324 7.72 -6.22 5.89
C ASN C 324 9.05 -6.17 5.14
N ARG C 325 9.22 -7.09 4.20
CA ARG C 325 10.48 -7.18 3.45
C ARG C 325 10.67 -5.96 2.56
N VAL C 326 11.85 -5.34 2.67
CA VAL C 326 12.20 -4.20 1.83
C VAL C 326 12.35 -4.70 0.40
N SER C 327 11.55 -4.15 -0.52
CA SER C 327 11.54 -4.62 -1.90
C SER C 327 12.35 -3.74 -2.85
N CYS C 328 12.53 -2.47 -2.55
CA CYS C 328 13.22 -1.59 -3.49
C CYS C 328 13.84 -0.40 -2.74
N LEU C 329 15.01 0.02 -3.21
CA LEU C 329 15.69 1.20 -2.74
C LEU C 329 15.91 2.17 -3.91
N GLY C 330 16.11 3.44 -3.57
CA GLY C 330 16.35 4.44 -4.60
C GLY C 330 17.13 5.64 -4.08
N VAL C 331 18.14 6.05 -4.83
CA VAL C 331 18.98 7.19 -4.46
C VAL C 331 18.89 8.24 -5.57
N THR C 332 18.65 9.48 -5.17
CA THR C 332 18.53 10.57 -6.13
C THR C 332 19.89 10.84 -6.79
N ASP C 333 19.84 11.56 -7.92
CA ASP C 333 21.06 11.88 -8.65
C ASP C 333 21.95 12.83 -7.87
N ASP C 334 21.36 13.75 -7.10
CA ASP C 334 22.11 14.68 -6.29
C ASP C 334 22.37 14.17 -4.87
N GLY C 335 21.78 13.04 -4.50
CA GLY C 335 22.05 12.45 -3.20
C GLY C 335 21.47 13.19 -2.03
N MET C 336 20.28 13.78 -2.19
CA MET C 336 19.65 14.52 -1.10
C MET C 336 18.89 13.61 -0.14
N ALA C 337 18.27 12.54 -0.64
CA ALA C 337 17.51 11.63 0.21
C ALA C 337 17.49 10.26 -0.44
N VAL C 338 17.03 9.27 0.32
CA VAL C 338 16.96 7.89 -0.12
C VAL C 338 15.55 7.39 0.11
N ALA C 339 14.91 6.88 -0.95
CA ALA C 339 13.57 6.32 -0.87
C ALA C 339 13.64 4.81 -0.69
N THR C 340 12.70 4.29 0.09
CA THR C 340 12.64 2.87 0.41
C THR C 340 11.20 2.41 0.31
N GLY C 341 10.98 1.33 -0.45
CA GLY C 341 9.66 0.75 -0.60
C GLY C 341 9.69 -0.73 -0.22
N SER C 342 8.71 -1.12 0.60
CA SER C 342 8.60 -2.49 1.08
C SER C 342 7.21 -3.02 0.80
N TRP C 343 6.98 -4.28 1.18
CA TRP C 343 5.70 -4.93 0.92
C TRP C 343 4.59 -4.45 1.85
N ASP C 344 4.89 -3.56 2.79
CA ASP C 344 3.88 -3.04 3.71
C ASP C 344 3.05 -1.90 3.10
N SER C 345 3.13 -1.72 1.78
CA SER C 345 2.38 -0.70 1.04
C SER C 345 2.71 0.71 1.50
N PHE C 346 3.90 0.93 2.03
CA PHE C 346 4.32 2.25 2.50
C PHE C 346 5.69 2.59 1.94
N LEU C 347 5.83 3.83 1.47
CA LEU C 347 7.09 4.36 0.99
C LEU C 347 7.65 5.34 2.00
N LYS C 348 8.95 5.22 2.29
CA LYS C 348 9.60 6.11 3.24
C LYS C 348 10.77 6.82 2.56
N ILE C 349 11.12 7.98 3.10
CA ILE C 349 12.18 8.82 2.55
C ILE C 349 13.09 9.23 3.70
N TRP C 350 14.27 8.60 3.78
CA TRP C 350 15.25 8.96 4.78
C TRP C 350 16.20 10.03 4.25
N ASN C 351 16.68 10.87 5.16
CA ASN C 351 17.59 11.95 4.79
C ASN C 351 18.78 12.02 5.75
N ASN D 5 24.37 -35.65 -30.72
CA ASN D 5 23.80 -34.41 -30.20
C ASN D 5 24.60 -33.20 -30.70
N THR D 6 24.29 -32.73 -31.90
CA THR D 6 24.99 -31.59 -32.47
C THR D 6 24.67 -30.30 -31.73
N ALA D 7 23.51 -30.22 -31.07
CA ALA D 7 23.17 -29.01 -30.31
C ALA D 7 24.13 -28.80 -29.14
N SER D 8 24.43 -29.87 -28.41
CA SER D 8 25.39 -29.77 -27.32
C SER D 8 26.79 -29.44 -27.83
N ILE D 9 27.16 -29.98 -29.00
CA ILE D 9 28.47 -29.67 -29.58
C ILE D 9 28.55 -28.19 -29.93
N ALA D 10 27.49 -27.64 -30.53
CA ALA D 10 27.49 -26.22 -30.87
C ALA D 10 27.49 -25.36 -29.61
N GLN D 11 26.77 -25.79 -28.57
CA GLN D 11 26.76 -25.04 -27.33
C GLN D 11 28.15 -25.01 -26.69
N ALA D 12 28.82 -26.16 -26.66
CA ALA D 12 30.17 -26.21 -26.10
C ALA D 12 31.15 -25.40 -26.94
N ARG D 13 30.99 -25.41 -28.27
CA ARG D 13 31.85 -24.61 -29.12
C ARG D 13 31.66 -23.12 -28.86
N LYS D 14 30.41 -22.67 -28.75
CA LYS D 14 30.15 -21.27 -28.44
C LYS D 14 30.69 -20.90 -27.07
N LEU D 15 30.56 -21.81 -26.10
CA LEU D 15 31.05 -21.53 -24.75
C LEU D 15 32.56 -21.40 -24.74
N VAL D 16 33.27 -22.32 -25.41
CA VAL D 16 34.73 -22.24 -25.41
C VAL D 16 35.21 -21.04 -26.22
N GLU D 17 34.45 -20.65 -27.26
CA GLU D 17 34.81 -19.44 -28.00
C GLU D 17 34.64 -18.19 -27.13
N GLN D 18 33.56 -18.12 -26.37
CA GLN D 18 33.37 -17.01 -25.45
C GLN D 18 34.47 -16.99 -24.38
N LEU D 19 34.86 -18.17 -23.90
CA LEU D 19 35.91 -18.24 -22.89
C LEU D 19 37.25 -17.77 -23.44
N LYS D 20 37.62 -18.22 -24.64
CA LYS D 20 38.88 -17.79 -25.24
C LYS D 20 38.85 -16.34 -25.68
N MET D 21 37.66 -15.78 -25.93
CA MET D 21 37.57 -14.35 -26.21
C MET D 21 37.70 -13.52 -24.94
N GLU D 22 37.10 -13.98 -23.83
CA GLU D 22 37.21 -13.26 -22.58
C GLU D 22 38.58 -13.40 -21.93
N ALA D 23 39.30 -14.48 -22.22
CA ALA D 23 40.63 -14.68 -21.63
C ALA D 23 41.65 -13.67 -22.15
N ASN D 24 41.46 -13.16 -23.37
CA ASN D 24 42.41 -12.21 -23.96
C ASN D 24 41.92 -10.79 -23.72
N ILE D 25 41.89 -10.41 -22.44
CA ILE D 25 41.51 -9.08 -22.00
C ILE D 25 42.61 -8.52 -21.12
N ASP D 26 43.07 -7.32 -21.44
CA ASP D 26 44.13 -6.67 -20.68
C ASP D 26 43.60 -6.26 -19.31
N ARG D 27 44.17 -6.82 -18.26
CA ARG D 27 43.78 -6.53 -16.89
C ARG D 27 44.89 -5.78 -16.17
N ILE D 28 44.50 -4.95 -15.22
CA ILE D 28 45.45 -4.18 -14.41
C ILE D 28 45.45 -4.74 -12.99
N LYS D 29 46.49 -4.39 -12.25
CA LYS D 29 46.61 -4.84 -10.87
C LYS D 29 45.57 -4.17 -9.99
N VAL D 30 45.14 -4.87 -8.94
CA VAL D 30 44.11 -4.35 -8.06
C VAL D 30 44.64 -3.21 -7.20
N SER D 31 45.96 -3.13 -7.03
CA SER D 31 46.54 -2.05 -6.22
C SER D 31 46.26 -0.68 -6.79
N LYS D 32 46.10 -0.59 -8.12
CA LYS D 32 45.77 0.67 -8.76
C LYS D 32 44.27 0.86 -8.93
N ALA D 33 43.55 -0.20 -9.27
CA ALA D 33 42.10 -0.14 -9.41
C ALA D 33 41.39 0.12 -8.09
N ALA D 34 42.04 -0.14 -6.95
CA ALA D 34 41.49 0.20 -5.65
C ALA D 34 41.85 1.62 -5.24
N ALA D 35 43.09 2.04 -5.52
CA ALA D 35 43.49 3.42 -5.22
C ALA D 35 42.69 4.42 -6.05
N ASP D 36 42.33 4.06 -7.28
CA ASP D 36 41.51 4.95 -8.09
C ASP D 36 40.14 5.16 -7.47
N LEU D 37 39.50 4.07 -7.04
CA LEU D 37 38.19 4.19 -6.39
C LEU D 37 38.29 4.94 -5.06
N MET D 38 39.39 4.72 -4.33
CA MET D 38 39.59 5.45 -3.07
C MET D 38 39.70 6.95 -3.32
N ALA D 39 40.52 7.34 -4.31
CA ALA D 39 40.66 8.75 -4.63
C ALA D 39 39.35 9.34 -5.16
N TYR D 40 38.57 8.56 -5.90
CA TYR D 40 37.29 9.05 -6.40
C TYR D 40 36.32 9.29 -5.24
N CYS D 41 36.28 8.35 -4.28
CA CYS D 41 35.39 8.53 -3.14
C CYS D 41 35.86 9.65 -2.23
N GLU D 42 37.17 9.90 -2.17
CA GLU D 42 37.69 10.95 -1.31
C GLU D 42 37.53 12.34 -1.93
N ALA D 43 37.59 12.43 -3.26
CA ALA D 43 37.48 13.74 -3.91
C ALA D 43 36.06 14.28 -3.84
N HIS D 44 35.06 13.40 -4.01
CA HIS D 44 33.66 13.80 -3.99
C HIS D 44 33.02 13.65 -2.61
N ALA D 45 33.81 13.75 -1.53
CA ALA D 45 33.27 13.57 -0.20
C ALA D 45 32.38 14.74 0.20
N LYS D 46 32.79 15.97 -0.13
CA LYS D 46 32.02 17.15 0.25
C LYS D 46 30.78 17.32 -0.61
N GLU D 47 30.65 16.60 -1.71
CA GLU D 47 29.47 16.69 -2.58
C GLU D 47 28.44 15.61 -2.28
N ASP D 48 28.56 14.92 -1.14
CA ASP D 48 27.64 13.86 -0.78
C ASP D 48 26.82 14.28 0.43
N PRO D 49 25.56 14.70 0.26
CA PRO D 49 24.73 15.05 1.42
C PRO D 49 24.43 13.86 2.32
N LEU D 50 24.65 12.63 1.86
CA LEU D 50 24.43 11.46 2.69
C LEU D 50 25.63 11.17 3.59
N LEU D 51 26.85 11.48 3.13
CA LEU D 51 28.04 11.25 3.94
C LEU D 51 28.18 12.31 5.02
N THR D 52 28.00 13.58 4.65
CA THR D 52 28.10 14.68 5.60
C THR D 52 26.70 15.19 5.94
N PRO D 53 26.39 15.44 7.21
CA PRO D 53 25.04 15.90 7.56
C PRO D 53 24.73 17.26 6.96
N VAL D 54 23.75 17.29 6.06
CA VAL D 54 23.33 18.52 5.40
C VAL D 54 22.46 19.32 6.36
N PRO D 55 22.68 20.63 6.50
CA PRO D 55 21.84 21.43 7.40
C PRO D 55 20.40 21.46 6.93
N ALA D 56 19.49 21.71 7.88
CA ALA D 56 18.07 21.74 7.58
C ALA D 56 17.64 23.01 6.85
N SER D 57 18.52 24.02 6.77
CA SER D 57 18.15 25.26 6.10
C SER D 57 18.06 25.07 4.59
N GLU D 58 18.95 24.26 4.01
CA GLU D 58 18.97 24.01 2.59
C GLU D 58 18.39 22.65 2.22
N ASN D 59 17.99 21.85 3.20
CA ASN D 59 17.41 20.54 2.93
C ASN D 59 15.96 20.68 2.48
N PRO D 60 15.63 20.28 1.26
CA PRO D 60 14.24 20.42 0.79
C PRO D 60 13.29 19.42 1.42
N PHE D 61 13.78 18.43 2.16
CA PHE D 61 12.95 17.43 2.81
C PHE D 61 12.68 17.75 4.27
N ARG D 62 12.85 19.01 4.67
CA ARG D 62 12.60 19.42 6.06
C ARG D 62 11.11 19.38 6.37
N VAL E 1 -8.50 18.21 -28.83
CA VAL E 1 -8.78 19.35 -27.99
C VAL E 1 -9.53 20.42 -28.77
N GLN E 2 -10.79 20.66 -28.39
CA GLN E 2 -11.63 21.64 -29.07
C GLN E 2 -12.72 22.10 -28.13
N LEU E 3 -12.92 23.42 -28.06
CA LEU E 3 -13.97 24.03 -27.25
C LEU E 3 -14.85 24.86 -28.16
N VAL E 4 -16.17 24.69 -28.05
CA VAL E 4 -17.11 25.46 -28.85
C VAL E 4 -18.19 26.03 -27.95
N GLU E 5 -18.36 27.35 -27.99
CA GLU E 5 -19.30 28.06 -27.15
C GLU E 5 -20.50 28.54 -27.96
N SER E 6 -21.63 28.70 -27.27
CA SER E 6 -22.87 29.14 -27.90
C SER E 6 -23.75 29.81 -26.85
N GLY E 7 -24.78 30.50 -27.33
CA GLY E 7 -25.73 31.16 -26.47
C GLY E 7 -25.68 32.68 -26.47
N GLY E 8 -24.82 33.29 -27.28
CA GLY E 8 -24.70 34.73 -27.32
C GLY E 8 -25.83 35.37 -28.12
N GLY E 9 -25.65 36.66 -28.38
CA GLY E 9 -26.62 37.44 -29.13
C GLY E 9 -26.97 38.71 -28.38
N LEU E 10 -28.12 39.29 -28.75
CA LEU E 10 -28.59 40.51 -28.13
C LEU E 10 -29.60 40.21 -27.03
N VAL E 11 -29.43 40.85 -25.88
CA VAL E 11 -30.31 40.67 -24.74
C VAL E 11 -30.65 42.03 -24.16
N GLN E 12 -31.92 42.20 -23.76
CA GLN E 12 -32.36 43.44 -23.14
C GLN E 12 -31.76 43.58 -21.75
N PRO E 13 -31.50 44.81 -21.30
CA PRO E 13 -30.91 45.00 -19.97
C PRO E 13 -31.86 44.56 -18.87
N GLY E 14 -31.33 43.79 -17.92
CA GLY E 14 -32.10 43.29 -16.81
C GLY E 14 -32.60 41.87 -16.96
N GLY E 15 -32.42 41.26 -18.14
CA GLY E 15 -32.88 39.91 -18.38
C GLY E 15 -31.91 38.85 -17.89
N SER E 16 -31.85 37.73 -18.61
CA SER E 16 -30.98 36.63 -18.26
C SER E 16 -30.55 35.92 -19.53
N ARG E 17 -29.50 35.11 -19.41
CA ARG E 17 -28.98 34.38 -20.57
C ARG E 17 -28.17 33.19 -20.07
N LYS E 18 -28.30 32.07 -20.78
CA LYS E 18 -27.60 30.84 -20.44
C LYS E 18 -26.61 30.52 -21.55
N LEU E 19 -25.32 30.71 -21.27
CA LEU E 19 -24.27 30.39 -22.23
C LEU E 19 -23.80 28.95 -22.00
N SER E 20 -23.49 28.26 -23.10
CA SER E 20 -23.06 26.87 -23.03
C SER E 20 -21.72 26.73 -23.74
N CYS E 21 -20.91 25.78 -23.27
CA CYS E 21 -19.63 25.47 -23.89
C CYS E 21 -19.44 23.95 -23.89
N SER E 22 -19.21 23.38 -25.05
CA SER E 22 -19.01 21.94 -25.20
C SER E 22 -17.57 21.66 -25.60
N ALA E 23 -17.00 20.60 -25.05
CA ALA E 23 -15.62 20.20 -25.29
C ALA E 23 -15.58 18.89 -26.06
N SER E 24 -14.52 18.70 -26.82
CA SER E 24 -14.34 17.47 -27.61
C SER E 24 -12.87 17.26 -27.89
N GLY E 25 -12.36 16.09 -27.50
CA GLY E 25 -10.99 15.70 -27.77
C GLY E 25 -10.10 15.49 -26.57
N PHE E 26 -10.64 15.56 -25.35
CA PHE E 26 -9.83 15.35 -24.15
C PHE E 26 -10.74 14.97 -23.00
N ALA E 27 -10.14 14.50 -21.92
CA ALA E 27 -10.86 14.11 -20.70
C ALA E 27 -11.29 15.39 -19.98
N PHE E 28 -12.56 15.76 -20.18
CA PHE E 28 -13.07 17.00 -19.62
C PHE E 28 -13.14 16.94 -18.09
N SER E 29 -13.25 15.73 -17.54
CA SER E 29 -13.44 15.58 -16.09
C SER E 29 -12.17 15.94 -15.31
N SER E 30 -11.01 15.94 -15.96
CA SER E 30 -9.75 16.16 -15.25
C SER E 30 -9.22 17.59 -15.39
N PHE E 31 -9.95 18.48 -16.06
CA PHE E 31 -9.49 19.83 -16.31
C PHE E 31 -10.39 20.85 -15.63
N GLY E 32 -9.78 21.92 -15.14
CA GLY E 32 -10.54 23.05 -14.65
C GLY E 32 -10.90 24.02 -15.76
N MET E 33 -12.00 24.74 -15.56
CA MET E 33 -12.56 25.59 -16.61
C MET E 33 -12.69 27.02 -16.13
N HIS E 34 -12.24 27.96 -16.95
CA HIS E 34 -12.32 29.38 -16.65
C HIS E 34 -13.22 30.08 -17.65
N TRP E 35 -14.06 30.98 -17.14
CA TRP E 35 -14.85 31.89 -17.97
C TRP E 35 -14.21 33.27 -17.88
N VAL E 36 -13.72 33.77 -19.02
CA VAL E 36 -13.03 35.04 -19.11
C VAL E 36 -13.83 35.97 -20.02
N ARG E 37 -13.81 37.26 -19.73
CA ARG E 37 -14.54 38.26 -20.50
C ARG E 37 -13.56 39.22 -21.17
N GLN E 38 -13.94 39.70 -22.36
CA GLN E 38 -13.15 40.69 -23.09
C GLN E 38 -14.10 41.75 -23.62
N ALA E 39 -13.97 42.96 -23.10
CA ALA E 39 -14.81 44.07 -23.52
C ALA E 39 -14.28 44.64 -24.85
N PRO E 40 -15.11 45.40 -25.57
CA PRO E 40 -14.63 46.02 -26.82
C PRO E 40 -13.45 46.96 -26.65
N GLU E 41 -13.09 47.33 -25.42
CA GLU E 41 -11.93 48.17 -25.16
C GLU E 41 -10.62 47.40 -25.17
N LYS E 42 -10.62 46.15 -25.65
CA LYS E 42 -9.46 45.28 -25.80
C LYS E 42 -8.84 44.88 -24.47
N GLY E 43 -9.54 45.04 -23.35
CA GLY E 43 -9.02 44.66 -22.05
C GLY E 43 -9.60 43.35 -21.58
N LEU E 44 -8.71 42.42 -21.23
CA LEU E 44 -9.12 41.12 -20.72
C LEU E 44 -9.41 41.21 -19.22
N GLU E 45 -10.37 40.40 -18.76
CA GLU E 45 -10.73 40.38 -17.36
C GLU E 45 -11.32 39.01 -17.01
N TRP E 46 -10.81 38.43 -15.92
CA TRP E 46 -11.28 37.13 -15.47
C TRP E 46 -12.63 37.26 -14.78
N VAL E 47 -13.52 36.31 -15.05
CA VAL E 47 -14.88 36.31 -14.49
C VAL E 47 -15.09 35.18 -13.51
N ALA E 48 -14.91 33.93 -13.96
CA ALA E 48 -15.24 32.80 -13.10
C ALA E 48 -14.26 31.67 -13.34
N TYR E 49 -14.18 30.77 -12.36
CA TYR E 49 -13.31 29.60 -12.44
C TYR E 49 -13.93 28.46 -11.64
N ILE E 50 -13.85 27.25 -12.20
CA ILE E 50 -14.31 26.04 -11.53
C ILE E 50 -13.23 24.98 -11.67
N SER E 51 -13.02 24.21 -10.60
CA SER E 51 -12.00 23.17 -10.60
C SER E 51 -12.58 21.85 -11.08
N SER E 52 -11.72 20.82 -11.09
CA SER E 52 -12.15 19.48 -11.49
C SER E 52 -13.09 18.90 -10.45
N GLY E 53 -14.21 18.35 -10.92
CA GLY E 53 -15.19 17.76 -10.04
C GLY E 53 -16.08 18.76 -9.31
N SER E 54 -16.07 20.02 -9.73
CA SER E 54 -16.89 21.08 -9.12
C SER E 54 -16.61 21.23 -7.63
N GLY E 55 -15.37 21.03 -7.20
CA GLY E 55 -15.07 21.13 -5.78
C GLY E 55 -14.99 22.56 -5.30
N THR E 56 -14.14 23.37 -5.93
CA THR E 56 -13.95 24.76 -5.57
C THR E 56 -14.29 25.66 -6.75
N ILE E 57 -15.04 26.72 -6.47
CA ILE E 57 -15.48 27.67 -7.49
C ILE E 57 -15.15 29.08 -7.02
N TYR E 58 -14.62 29.90 -7.93
CA TYR E 58 -14.27 31.28 -7.64
C TYR E 58 -14.95 32.21 -8.63
N TYR E 59 -15.38 33.36 -8.12
CA TYR E 59 -15.99 34.40 -8.93
C TYR E 59 -15.24 35.70 -8.74
N ALA E 60 -15.55 36.67 -9.60
CA ALA E 60 -14.94 37.99 -9.52
C ALA E 60 -15.80 38.92 -8.67
N ASP E 61 -15.17 39.91 -8.07
CA ASP E 61 -15.86 40.86 -7.20
C ASP E 61 -16.84 41.74 -7.97
N THR E 62 -16.70 41.85 -9.28
CA THR E 62 -17.61 42.65 -10.09
C THR E 62 -18.82 41.86 -10.59
N VAL E 63 -18.73 40.52 -10.59
CA VAL E 63 -19.81 39.68 -11.08
C VAL E 63 -20.35 38.73 -10.02
N LYS E 64 -19.90 38.84 -8.78
CA LYS E 64 -20.35 37.93 -7.73
C LYS E 64 -21.80 38.22 -7.36
N GLY E 65 -22.61 37.17 -7.28
CA GLY E 65 -24.00 37.28 -6.90
C GLY E 65 -24.98 37.25 -8.05
N ARG E 66 -24.52 37.52 -9.28
CA ARG E 66 -25.39 37.55 -10.44
C ARG E 66 -25.15 36.41 -11.41
N PHE E 67 -23.91 35.93 -11.54
CA PHE E 67 -23.58 34.86 -12.47
C PHE E 67 -23.39 33.55 -11.71
N THR E 68 -23.74 32.45 -12.37
CA THR E 68 -23.63 31.11 -11.78
C THR E 68 -23.08 30.16 -12.83
N ILE E 69 -21.93 29.54 -12.51
CA ILE E 69 -21.26 28.61 -13.41
C ILE E 69 -21.52 27.19 -12.92
N SER E 70 -21.82 26.29 -13.86
CA SER E 70 -22.08 24.89 -13.54
C SER E 70 -21.35 24.01 -14.55
N ARG E 71 -21.07 22.78 -14.13
CA ARG E 71 -20.27 21.84 -14.92
C ARG E 71 -20.99 20.51 -14.97
N ASP E 72 -21.42 20.09 -16.16
CA ASP E 72 -22.06 18.79 -16.35
C ASP E 72 -21.01 17.84 -16.92
N ASP E 73 -20.56 16.91 -16.09
CA ASP E 73 -19.49 15.98 -16.43
C ASP E 73 -19.94 14.88 -17.39
N PRO E 74 -21.10 14.23 -17.19
CA PRO E 74 -21.50 13.16 -18.12
C PRO E 74 -21.62 13.61 -19.57
N LYS E 75 -21.86 14.89 -19.82
CA LYS E 75 -21.92 15.42 -21.17
C LYS E 75 -20.74 16.30 -21.53
N ASN E 76 -19.81 16.53 -20.59
CA ASN E 76 -18.63 17.35 -20.81
C ASN E 76 -19.02 18.76 -21.28
N THR E 77 -19.88 19.42 -20.49
CA THR E 77 -20.39 20.73 -20.84
C THR E 77 -20.23 21.69 -19.68
N LEU E 78 -20.12 22.97 -20.00
CA LEU E 78 -19.98 24.04 -19.03
C LEU E 78 -21.06 25.08 -19.29
N PHE E 79 -21.93 25.31 -18.31
CA PHE E 79 -23.03 26.25 -18.43
C PHE E 79 -22.79 27.47 -17.57
N LEU E 80 -23.30 28.61 -18.01
CA LEU E 80 -23.15 29.87 -17.28
C LEU E 80 -24.47 30.63 -17.37
N GLN E 81 -25.17 30.73 -16.24
CA GLN E 81 -26.39 31.51 -16.15
C GLN E 81 -26.06 32.92 -15.69
N MET E 82 -26.65 33.90 -16.37
CA MET E 82 -26.36 35.32 -16.13
C MET E 82 -27.68 36.05 -15.95
N THR E 83 -27.92 36.58 -14.76
CA THR E 83 -29.12 37.31 -14.44
C THR E 83 -28.79 38.76 -14.12
N SER E 84 -29.77 39.64 -14.35
CA SER E 84 -29.64 41.08 -14.10
C SER E 84 -28.46 41.65 -14.91
N LEU E 85 -28.56 41.52 -16.23
CA LEU E 85 -27.51 42.00 -17.10
C LEU E 85 -27.50 43.53 -17.14
N ARG E 86 -26.31 44.11 -17.06
CA ARG E 86 -26.12 45.54 -17.09
C ARG E 86 -25.57 45.98 -18.45
N SER E 87 -25.48 47.30 -18.63
CA SER E 87 -24.98 47.85 -19.88
C SER E 87 -23.50 47.57 -20.09
N GLU E 88 -22.77 47.17 -19.06
CA GLU E 88 -21.35 46.86 -19.16
C GLU E 88 -21.09 45.39 -19.42
N ASP E 89 -22.10 44.63 -19.86
CA ASP E 89 -21.96 43.21 -20.11
C ASP E 89 -21.79 42.89 -21.60
N THR E 90 -21.90 43.89 -22.47
CA THR E 90 -21.67 43.68 -23.89
C THR E 90 -20.19 43.39 -24.14
N ALA E 91 -19.86 42.13 -24.40
CA ALA E 91 -18.47 41.72 -24.52
C ALA E 91 -18.43 40.31 -25.12
N MET E 92 -17.21 39.80 -25.27
CA MET E 92 -16.98 38.45 -25.79
C MET E 92 -16.48 37.55 -24.67
N TYR E 93 -17.13 36.41 -24.50
CA TYR E 93 -16.80 35.48 -23.43
C TYR E 93 -16.04 34.29 -23.99
N TYR E 94 -15.00 33.88 -23.29
CA TYR E 94 -14.13 32.78 -23.69
C TYR E 94 -14.05 31.74 -22.59
N CYS E 95 -13.99 30.48 -22.99
CA CYS E 95 -13.78 29.36 -22.06
C CYS E 95 -12.35 28.85 -22.20
N VAL E 96 -11.66 28.73 -21.07
CA VAL E 96 -10.25 28.37 -21.04
C VAL E 96 -10.09 27.08 -20.24
N ARG E 97 -9.27 26.17 -20.75
CA ARG E 97 -8.94 24.94 -20.05
C ARG E 97 -7.66 25.15 -19.25
N SER E 98 -7.63 24.61 -18.02
CA SER E 98 -6.48 24.82 -17.14
C SER E 98 -6.42 23.69 -16.13
N ILE E 99 -5.31 22.95 -16.13
CA ILE E 99 -5.05 21.90 -15.15
C ILE E 99 -3.87 22.35 -14.30
N TYR E 100 -3.84 21.89 -13.05
CA TYR E 100 -2.84 22.33 -12.08
C TYR E 100 -2.13 21.12 -11.48
N TYR E 101 -0.86 20.95 -11.83
CA TYR E 101 0.02 19.98 -11.19
C TYR E 101 1.45 20.41 -11.47
N TYR E 102 2.40 19.68 -10.88
CA TYR E 102 3.81 20.02 -11.05
C TYR E 102 4.24 19.77 -12.50
N GLY E 103 4.77 20.80 -13.14
CA GLY E 103 5.17 20.71 -14.52
C GLY E 103 4.06 20.89 -15.53
N SER E 104 2.86 21.25 -15.09
CA SER E 104 1.73 21.41 -15.99
C SER E 104 1.83 22.73 -16.75
N SER E 105 0.97 22.87 -17.76
CA SER E 105 0.89 24.08 -18.56
C SER E 105 -0.55 24.57 -18.56
N PRO E 106 -0.97 25.29 -17.54
CA PRO E 106 -2.35 25.79 -17.48
C PRO E 106 -2.58 26.88 -18.50
N PHE E 107 -3.88 27.12 -18.79
CA PHE E 107 -4.31 28.09 -19.78
C PHE E 107 -3.71 27.83 -21.16
N ASP E 108 -3.53 26.55 -21.50
CA ASP E 108 -2.88 26.16 -22.75
C ASP E 108 -3.81 26.12 -23.94
N PHE E 109 -5.12 26.27 -23.74
CA PHE E 109 -6.08 26.23 -24.83
C PHE E 109 -7.22 27.18 -24.53
N TRP E 110 -7.48 28.09 -25.47
CA TRP E 110 -8.56 29.05 -25.37
C TRP E 110 -9.65 28.73 -26.38
N GLY E 111 -10.90 28.93 -25.96
CA GLY E 111 -12.03 28.66 -26.82
C GLY E 111 -12.22 29.75 -27.85
N GLN E 112 -13.30 29.61 -28.62
CA GLN E 112 -13.63 30.59 -29.64
C GLN E 112 -14.34 31.81 -29.09
N GLY E 113 -15.14 31.66 -28.03
CA GLY E 113 -15.82 32.78 -27.42
C GLY E 113 -17.06 33.23 -28.16
N THR E 114 -18.09 33.61 -27.42
CA THR E 114 -19.34 34.09 -27.99
C THR E 114 -19.58 35.54 -27.56
N THR E 115 -20.27 36.28 -28.43
CA THR E 115 -20.53 37.69 -28.21
C THR E 115 -21.89 37.88 -27.53
N LEU E 116 -21.95 38.90 -26.68
CA LEU E 116 -23.18 39.23 -25.96
C LEU E 116 -23.35 40.74 -25.95
N THR E 117 -24.44 41.21 -26.54
CA THR E 117 -24.75 42.63 -26.62
C THR E 117 -25.91 42.95 -25.68
N VAL E 118 -25.80 44.07 -24.97
CA VAL E 118 -26.83 44.54 -24.06
C VAL E 118 -27.13 45.98 -24.44
N SER E 119 -28.25 46.20 -25.11
CA SER E 119 -28.63 47.55 -25.52
C SER E 119 -28.94 48.42 -24.32
N ALA E 120 -28.88 49.74 -24.52
CA ALA E 120 -29.16 50.69 -23.47
C ALA E 120 -29.99 51.86 -23.99
N SER E 135 -9.90 46.53 -1.29
CA SER E 135 -9.56 45.96 -2.59
C SER E 135 -8.05 45.72 -2.71
N ALA E 136 -7.61 44.53 -2.30
CA ALA E 136 -6.20 44.16 -2.35
C ALA E 136 -5.85 43.41 -3.63
N ASP E 137 -6.65 43.54 -4.68
CA ASP E 137 -6.37 42.85 -5.94
C ASP E 137 -5.09 43.39 -6.57
N ILE E 138 -4.26 42.47 -7.06
CA ILE E 138 -3.02 42.87 -7.72
C ILE E 138 -3.35 43.58 -9.03
N VAL E 139 -2.69 44.72 -9.25
CA VAL E 139 -2.91 45.55 -10.43
C VAL E 139 -1.75 45.34 -11.39
N MET E 140 -2.06 44.90 -12.60
CA MET E 140 -1.06 44.69 -13.65
C MET E 140 -1.18 45.80 -14.69
N THR E 141 -0.04 46.43 -15.00
CA THR E 141 0.00 47.54 -15.95
C THR E 141 1.02 47.24 -17.03
N GLN E 142 0.73 47.69 -18.26
CA GLN E 142 1.62 47.51 -19.40
C GLN E 142 1.74 48.86 -20.11
N ALA E 143 2.92 49.48 -20.02
CA ALA E 143 3.17 50.75 -20.69
C ALA E 143 3.52 50.48 -22.15
N THR E 144 3.69 51.55 -22.92
CA THR E 144 4.03 51.50 -24.35
C THR E 144 3.02 50.62 -25.10
N SER E 145 1.78 51.11 -25.12
CA SER E 145 0.68 50.38 -25.73
C SER E 145 0.84 50.20 -27.23
N SER E 146 1.79 50.90 -27.87
CA SER E 146 2.03 50.75 -29.29
C SER E 146 3.52 50.65 -29.54
N VAL E 147 3.94 49.57 -30.19
CA VAL E 147 5.35 49.34 -30.49
C VAL E 147 5.50 49.07 -31.99
N PRO E 148 5.78 50.09 -32.80
CA PRO E 148 5.98 49.85 -34.23
C PRO E 148 7.37 49.31 -34.53
N VAL E 149 7.45 48.18 -35.24
CA VAL E 149 8.71 47.55 -35.56
C VAL E 149 8.55 46.66 -36.79
N THR E 150 9.56 46.66 -37.64
CA THR E 150 9.56 45.81 -38.83
C THR E 150 10.08 44.43 -38.49
N PRO E 151 9.71 43.41 -39.27
CA PRO E 151 10.23 42.07 -39.02
C PRO E 151 11.74 42.00 -39.18
N GLY E 152 12.35 41.06 -38.45
CA GLY E 152 13.78 40.86 -38.46
C GLY E 152 14.48 41.39 -37.23
N GLU E 153 13.96 42.46 -36.63
CA GLU E 153 14.54 43.02 -35.43
C GLU E 153 13.91 42.42 -34.18
N SER E 154 14.58 42.60 -33.05
CA SER E 154 14.12 42.07 -31.78
C SER E 154 13.15 43.04 -31.12
N VAL E 155 12.26 42.48 -30.30
CA VAL E 155 11.25 43.24 -29.58
C VAL E 155 11.38 42.96 -28.09
N SER E 156 11.28 44.00 -27.28
CA SER E 156 11.39 43.89 -25.83
C SER E 156 10.18 44.56 -25.20
N ILE E 157 9.34 43.77 -24.53
CA ILE E 157 8.12 44.27 -23.89
C ILE E 157 8.31 44.17 -22.38
N SER E 158 8.23 45.31 -21.70
CA SER E 158 8.39 45.37 -20.26
C SER E 158 7.03 45.21 -19.57
N CYS E 159 7.09 44.82 -18.29
CA CYS E 159 5.88 44.63 -17.52
C CYS E 159 6.20 44.85 -16.04
N ARG E 160 5.28 45.51 -15.34
CA ARG E 160 5.40 45.78 -13.92
C ARG E 160 4.23 45.17 -13.17
N SER E 161 4.32 45.19 -11.84
CA SER E 161 3.29 44.63 -11.00
C SER E 161 3.28 45.38 -9.67
N SER E 162 2.11 45.40 -9.02
CA SER E 162 1.96 46.06 -7.74
C SER E 162 2.30 45.16 -6.56
N LYS E 163 2.50 43.86 -6.79
CA LYS E 163 2.83 42.92 -5.73
C LYS E 163 3.83 41.90 -6.27
N SER E 164 4.75 41.48 -5.40
CA SER E 164 5.77 40.52 -5.80
C SER E 164 5.13 39.17 -6.08
N LEU E 165 5.31 38.68 -7.31
CA LEU E 165 4.73 37.41 -7.73
C LEU E 165 5.62 36.22 -7.39
N LEU E 166 6.80 36.45 -6.84
CA LEU E 166 7.72 35.36 -6.49
C LEU E 166 7.25 34.73 -5.19
N HIS E 167 6.69 33.52 -5.28
CA HIS E 167 6.20 32.83 -4.11
C HIS E 167 7.36 32.21 -3.33
N SER E 168 7.06 31.71 -2.14
CA SER E 168 8.09 31.12 -1.29
C SER E 168 8.63 29.81 -1.84
N ASN E 169 7.91 29.16 -2.75
CA ASN E 169 8.35 27.90 -3.33
C ASN E 169 9.31 28.09 -4.50
N GLY E 170 9.66 29.33 -4.83
CA GLY E 170 10.58 29.61 -5.91
C GLY E 170 9.94 29.82 -7.27
N ASN E 171 8.62 29.67 -7.37
CA ASN E 171 7.92 29.83 -8.64
C ASN E 171 7.38 31.24 -8.78
N THR E 172 7.26 31.69 -10.03
CA THR E 172 6.74 33.01 -10.36
C THR E 172 5.52 32.84 -11.24
N TYR E 173 4.33 33.14 -10.69
CA TYR E 173 3.08 32.95 -11.41
C TYR E 173 2.87 34.13 -12.35
N LEU E 174 3.42 34.00 -13.56
CA LEU E 174 3.32 35.01 -14.59
C LEU E 174 3.03 34.34 -15.92
N TYR E 175 1.96 34.75 -16.58
CA TYR E 175 1.53 34.15 -17.84
C TYR E 175 1.50 35.21 -18.94
N TRP E 176 2.12 34.90 -20.07
CA TRP E 176 2.13 35.77 -21.24
C TRP E 176 1.33 35.12 -22.35
N PHE E 177 0.26 35.80 -22.78
CA PHE E 177 -0.59 35.34 -23.86
C PHE E 177 -0.46 36.28 -25.05
N LEU E 178 -0.79 35.76 -26.23
CA LEU E 178 -0.79 36.54 -27.46
C LEU E 178 -2.13 36.34 -28.17
N GLN E 179 -2.76 37.45 -28.58
CA GLN E 179 -4.04 37.42 -29.28
C GLN E 179 -3.87 38.11 -30.62
N ARG E 180 -4.10 37.37 -31.69
CA ARG E 180 -4.01 37.91 -33.04
C ARG E 180 -5.32 38.60 -33.43
N PRO E 181 -5.26 39.60 -34.29
CA PRO E 181 -6.49 40.29 -34.71
C PRO E 181 -7.44 39.34 -35.43
N GLY E 182 -8.64 39.21 -34.88
CA GLY E 182 -9.64 38.33 -35.47
C GLY E 182 -9.53 36.89 -35.06
N GLN E 183 -8.77 36.58 -34.01
CA GLN E 183 -8.59 35.21 -33.53
C GLN E 183 -8.68 35.20 -32.01
N SER E 184 -8.49 34.01 -31.42
CA SER E 184 -8.51 33.76 -29.99
C SER E 184 -7.11 33.90 -29.40
N PRO E 185 -7.00 34.37 -28.16
CA PRO E 185 -5.69 34.49 -27.52
C PRO E 185 -5.01 33.13 -27.40
N GLN E 186 -3.69 33.13 -27.59
CA GLN E 186 -2.87 31.93 -27.54
C GLN E 186 -1.81 32.08 -26.46
N LEU E 187 -1.62 31.02 -25.67
CA LEU E 187 -0.64 31.03 -24.60
C LEU E 187 0.77 30.94 -25.18
N LEU E 188 1.62 31.90 -24.82
CA LEU E 188 3.03 31.89 -25.21
C LEU E 188 3.94 31.43 -24.08
N ILE E 189 3.72 31.90 -22.86
CA ILE E 189 4.57 31.57 -21.73
C ILE E 189 3.68 31.27 -20.53
N TYR E 190 3.77 30.04 -20.01
CA TYR E 190 2.96 29.67 -18.84
C TYR E 190 3.70 30.02 -17.54
N ARG E 191 4.94 29.58 -17.41
CA ARG E 191 5.77 29.90 -16.25
C ARG E 191 7.00 30.68 -16.70
N MET E 192 7.54 31.48 -15.77
CA MET E 192 8.68 32.33 -16.08
C MET E 192 9.87 31.50 -16.54
N SER E 193 10.48 31.92 -17.66
CA SER E 193 11.63 31.25 -18.26
C SER E 193 11.31 29.79 -18.59
N ASN E 194 10.08 29.53 -19.02
CA ASN E 194 9.63 28.19 -19.39
C ASN E 194 8.78 28.31 -20.65
N LEU E 195 9.29 27.76 -21.76
CA LEU E 195 8.56 27.82 -23.02
C LEU E 195 7.40 26.84 -23.04
N ALA E 196 6.27 27.29 -23.58
CA ALA E 196 5.08 26.45 -23.63
C ALA E 196 5.20 25.45 -24.80
N SER E 197 4.17 24.62 -24.92
CA SER E 197 4.12 23.60 -25.97
C SER E 197 3.53 24.20 -27.24
N GLY E 198 4.15 23.91 -28.38
CA GLY E 198 3.72 24.43 -29.65
C GLY E 198 4.23 25.81 -29.99
N VAL E 199 4.90 26.48 -29.05
CA VAL E 199 5.44 27.81 -29.28
C VAL E 199 6.91 27.70 -29.67
N PRO E 200 7.36 28.35 -30.74
CA PRO E 200 8.77 28.26 -31.10
C PRO E 200 9.67 28.91 -30.05
N ASP E 201 10.97 28.63 -30.17
CA ASP E 201 11.96 29.11 -29.22
C ASP E 201 12.36 30.57 -29.45
N ARG E 202 11.65 31.29 -30.33
CA ARG E 202 12.00 32.69 -30.57
C ARG E 202 11.58 33.57 -29.40
N PHE E 203 10.51 33.20 -28.69
CA PHE E 203 10.02 33.99 -27.57
C PHE E 203 10.70 33.54 -26.28
N SER E 204 11.00 34.50 -25.41
CA SER E 204 11.60 34.20 -24.12
C SER E 204 11.10 35.20 -23.10
N GLY E 205 11.12 34.79 -21.84
CA GLY E 205 10.69 35.66 -20.76
C GLY E 205 11.64 35.59 -19.59
N SER E 206 11.83 36.73 -18.93
CA SER E 206 12.74 36.80 -17.78
C SER E 206 12.27 37.95 -16.90
N GLY E 207 13.02 38.18 -15.82
CA GLY E 207 12.73 39.24 -14.89
C GLY E 207 12.70 38.71 -13.47
N SER E 208 12.31 39.58 -12.54
CA SER E 208 12.27 39.22 -11.13
C SER E 208 11.45 40.27 -10.39
N GLY E 209 11.04 39.92 -9.17
CA GLY E 209 10.30 40.82 -8.32
C GLY E 209 9.01 41.32 -8.93
N THR E 210 8.98 42.61 -9.26
CA THR E 210 7.83 43.23 -9.90
C THR E 210 8.21 43.84 -11.26
N ALA E 211 9.26 43.32 -11.87
CA ALA E 211 9.72 43.82 -13.16
C ALA E 211 10.08 42.63 -14.04
N PHE E 212 9.35 42.46 -15.14
CA PHE E 212 9.56 41.35 -16.05
C PHE E 212 9.67 41.85 -17.48
N THR E 213 10.22 41.00 -18.34
CA THR E 213 10.48 41.38 -19.73
C THR E 213 10.28 40.18 -20.64
N LEU E 214 9.71 40.46 -21.81
CA LEU E 214 9.47 39.47 -22.86
C LEU E 214 10.31 39.86 -24.07
N THR E 215 11.18 38.95 -24.51
CA THR E 215 12.09 39.19 -25.62
C THR E 215 11.71 38.30 -26.80
N ILE E 216 11.55 38.93 -27.96
CA ILE E 216 11.22 38.24 -29.20
C ILE E 216 12.35 38.46 -30.19
N SER E 217 12.96 37.37 -30.65
CA SER E 217 14.07 37.43 -31.59
C SER E 217 13.63 36.85 -32.93
N ARG E 218 14.16 37.43 -34.01
CA ARG E 218 13.83 37.02 -35.37
C ARG E 218 12.31 37.09 -35.60
N LEU E 219 11.81 38.32 -35.50
CA LEU E 219 10.38 38.56 -35.61
C LEU E 219 9.90 38.32 -37.05
N GLU E 220 8.76 37.65 -37.17
CA GLU E 220 8.12 37.42 -38.46
C GLU E 220 6.86 38.28 -38.58
N ALA E 221 6.17 38.12 -39.71
CA ALA E 221 4.94 38.86 -39.92
C ALA E 221 3.75 38.19 -39.24
N GLU E 222 3.84 36.89 -39.02
CA GLU E 222 2.75 36.13 -38.39
C GLU E 222 2.68 36.32 -36.88
N ASP E 223 3.58 37.10 -36.30
CA ASP E 223 3.61 37.31 -34.85
C ASP E 223 3.00 38.65 -34.45
N VAL E 224 2.15 39.24 -35.28
CA VAL E 224 1.51 40.51 -34.97
C VAL E 224 0.28 40.25 -34.12
N GLY E 225 0.06 41.10 -33.12
CA GLY E 225 -1.08 40.95 -32.24
C GLY E 225 -0.90 41.76 -30.97
N VAL E 226 -1.69 41.41 -29.96
CA VAL E 226 -1.64 42.06 -28.66
C VAL E 226 -1.13 41.07 -27.63
N TYR E 227 -0.19 41.51 -26.80
CA TYR E 227 0.42 40.67 -25.78
C TYR E 227 -0.16 41.04 -24.42
N TYR E 228 -0.70 40.03 -23.72
CA TYR E 228 -1.33 40.23 -22.42
C TYR E 228 -0.55 39.50 -21.34
N CYS E 229 -0.55 40.07 -20.14
CA CYS E 229 0.10 39.48 -18.98
C CYS E 229 -0.93 39.19 -17.90
N MET E 230 -0.75 38.07 -17.20
CA MET E 230 -1.66 37.65 -16.16
C MET E 230 -0.87 37.12 -14.96
N GLN E 231 -1.40 37.41 -13.77
CA GLN E 231 -0.82 36.91 -12.53
C GLN E 231 -1.75 35.86 -11.93
N HIS E 232 -1.15 34.83 -11.32
CA HIS E 232 -1.91 33.71 -10.76
C HIS E 232 -1.47 33.44 -9.33
N LEU E 233 -0.97 34.46 -8.63
CA LEU E 233 -0.56 34.28 -7.24
C LEU E 233 -1.76 34.12 -6.31
N GLU E 234 -2.85 34.83 -6.59
CA GLU E 234 -4.05 34.74 -5.78
C GLU E 234 -5.22 35.29 -6.58
N TYR E 235 -6.42 34.81 -6.24
CA TYR E 235 -7.62 35.27 -6.90
C TYR E 235 -8.07 36.61 -6.33
N PRO E 236 -8.70 37.47 -7.16
CA PRO E 236 -9.04 37.22 -8.57
C PRO E 236 -7.87 37.46 -9.53
N LEU E 237 -7.93 36.82 -10.69
CA LEU E 237 -6.88 36.97 -11.69
C LEU E 237 -7.07 38.29 -12.44
N THR E 238 -5.98 39.04 -12.59
CA THR E 238 -6.01 40.34 -13.25
C THR E 238 -5.14 40.31 -14.50
N PHE E 239 -5.70 40.76 -15.61
CA PHE E 239 -4.98 40.82 -16.88
C PHE E 239 -4.42 42.22 -17.10
N GLY E 240 -3.37 42.28 -17.92
CA GLY E 240 -2.75 43.56 -18.23
C GLY E 240 -3.59 44.40 -19.19
N ALA E 241 -3.12 45.63 -19.39
CA ALA E 241 -3.83 46.54 -20.29
C ALA E 241 -3.73 46.13 -21.74
N GLY E 242 -2.70 45.35 -22.11
CA GLY E 242 -2.56 44.91 -23.48
C GLY E 242 -1.59 45.75 -24.29
N THR E 243 -0.52 45.14 -24.77
CA THR E 243 0.48 45.81 -25.58
C THR E 243 0.30 45.41 -27.05
N LYS E 244 -0.12 46.36 -27.87
CA LYS E 244 -0.35 46.11 -29.29
C LYS E 244 0.97 46.21 -30.04
N LEU E 245 1.26 45.18 -30.85
CA LEU E 245 2.48 45.13 -31.65
C LEU E 245 2.12 45.56 -33.08
N GLU E 246 2.57 46.76 -33.46
CA GLU E 246 2.30 47.30 -34.78
C GLU E 246 3.38 46.86 -35.76
N LEU E 247 2.95 46.44 -36.95
CA LEU E 247 3.88 45.99 -37.99
C LEU E 247 4.67 47.15 -38.56
N GLY F 1 -16.31 -7.99 59.91
CA GLY F 1 -16.12 -6.77 59.15
C GLY F 1 -17.42 -6.12 58.72
N TRP F 2 -18.52 -6.58 59.28
CA TRP F 2 -19.85 -6.04 58.97
C TRP F 2 -20.20 -4.94 59.97
N THR F 3 -19.52 -3.81 59.82
CA THR F 3 -19.73 -2.66 60.69
C THR F 3 -20.90 -1.83 60.17
N LEU F 4 -21.08 -0.63 60.75
CA LEU F 4 -22.18 0.23 60.33
C LEU F 4 -21.92 0.82 58.95
N ASN F 5 -20.65 1.00 58.58
CA ASN F 5 -20.31 1.60 57.30
C ASN F 5 -20.82 0.76 56.14
N SER F 6 -20.47 -0.52 56.12
CA SER F 6 -20.90 -1.40 55.03
C SER F 6 -22.42 -1.61 55.06
N ALA F 7 -23.02 -1.72 56.25
CA ALA F 7 -24.45 -1.88 56.35
C ALA F 7 -25.18 -0.67 55.77
N GLY F 8 -24.69 0.53 56.04
CA GLY F 8 -25.30 1.72 55.47
C GLY F 8 -25.03 1.84 53.98
N TYR F 9 -23.87 1.37 53.54
CA TYR F 9 -23.49 1.42 52.11
C TYR F 9 -24.42 0.50 51.32
N LEU F 10 -24.82 -0.62 51.93
CA LEU F 10 -25.65 -1.59 51.23
C LEU F 10 -27.14 -1.28 51.35
N LEU F 11 -27.62 -0.98 52.56
CA LEU F 11 -29.04 -0.78 52.79
C LEU F 11 -29.47 0.68 52.75
N GLY F 12 -28.54 1.61 52.52
CA GLY F 12 -28.88 3.01 52.50
C GLY F 12 -28.93 3.60 53.90
N PRO F 13 -29.37 4.85 54.02
CA PRO F 13 -29.46 5.49 55.34
C PRO F 13 -30.68 5.06 56.12
N HIS F 14 -30.91 3.74 56.21
CA HIS F 14 -32.05 3.22 56.96
C HIS F 14 -31.68 2.01 57.80
N ALA F 15 -30.39 1.73 57.98
CA ALA F 15 -29.96 0.59 58.79
C ALA F 15 -29.94 0.90 60.27
N VAL F 16 -30.07 2.17 60.65
CA VAL F 16 -30.06 2.55 62.07
C VAL F 16 -31.39 2.19 62.72
C1 CLR G . -29.10 -29.53 14.86
C2 CLR G . -29.82 -30.63 14.08
C3 CLR G . -29.41 -32.00 14.54
C4 CLR G . -29.59 -32.18 16.07
C5 CLR G . -28.88 -31.09 16.86
C6 CLR G . -27.25 -31.40 16.79
C7 CLR G . -26.38 -30.28 17.44
C8 CLR G . -27.22 -29.25 18.11
C9 CLR G . -28.34 -28.60 17.06
C10 CLR G . -29.23 -29.70 16.40
C11 CLR G . -29.16 -27.54 17.74
C12 CLR G . -28.28 -26.43 18.33
C13 CLR G . -27.21 -26.90 19.18
C14 CLR G . -26.38 -28.05 18.57
C15 CLR G . -25.11 -28.24 19.61
C16 CLR G . -25.02 -26.77 20.46
C17 CLR G . -26.08 -25.85 19.79
C18 CLR G . -27.90 -27.50 20.42
C19 CLR G . -30.71 -29.46 16.77
C20 CLR G . -26.68 -24.94 20.73
C21 CLR G . -26.96 -23.58 20.01
C22 CLR G . -25.73 -24.66 21.96
C23 CLR G . -26.37 -23.70 23.01
C24 CLR G . -25.53 -22.41 23.23
C25 CLR G . -26.07 -21.53 24.39
C26 CLR G . -25.20 -20.28 24.60
C27 CLR G . -27.54 -21.14 24.15
O1 CLR G . -30.21 -32.97 13.88
C1 CLR H . -43.73 0.24 45.55
C2 CLR H . -44.56 0.33 46.83
C3 CLR H . -44.81 1.76 47.28
C4 CLR H . -45.36 2.66 46.12
C5 CLR H . -44.46 2.57 44.90
C6 CLR H . -45.04 3.56 43.70
C7 CLR H . -44.16 3.48 42.41
C8 CLR H . -43.95 2.08 41.97
C9 CLR H . -43.36 1.11 43.19
C10 CLR H . -44.30 1.15 44.42
C11 CLR H . -43.19 -0.30 42.72
C12 CLR H . -42.26 -0.39 41.48
C13 CLR H . -42.61 0.53 40.41
C14 CLR H . -42.87 1.98 40.87
C15 CLR H . -43.00 2.85 39.47
C16 CLR H . -42.19 1.90 38.31
C17 CLR H . -41.62 0.69 39.08
C18 CLR H . -43.94 0.01 39.85
C19 CLR H . -45.67 0.61 43.99
C20 CLR H . -41.61 -0.51 38.30
C21 CLR H . -40.32 -1.32 38.63
C22 CLR H . -41.62 -0.19 36.75
C23 CLR H . -41.25 -1.43 35.87
C24 CLR H . -40.10 -1.10 34.87
C25 CLR H . -40.00 -2.15 33.72
C26 CLR H . -38.91 -1.76 32.71
C27 CLR H . -39.75 -3.56 34.29
O1 CLR H . -45.74 1.76 48.34
C1 CLR I . -21.68 19.32 42.54
C2 CLR I . -21.64 20.32 43.69
C3 CLR I . -21.04 19.75 44.96
C4 CLR I . -19.67 19.07 44.72
C5 CLR I . -19.76 18.03 43.60
C6 CLR I . -18.31 17.31 43.38
C7 CLR I . -18.35 16.25 42.21
C8 CLR I . -18.92 16.83 40.97
C9 CLR I . -20.40 17.56 41.22
C10 CLR I . -20.29 18.64 42.32
C11 CLR I . -20.93 18.15 39.96
C12 CLR I . -21.04 17.11 38.83
C13 CLR I . -19.84 16.32 38.62
C14 CLR I . -19.21 15.76 39.91
C15 CLR I . -18.03 14.73 39.38
C16 CLR I . -18.48 14.34 37.79
C17 CLR I . -19.85 15.04 37.57
C18 CLR I . -18.80 17.31 38.04
C19 CLR I . -19.30 19.71 41.82
C20 CLR I . -20.04 15.49 36.22
C21 CLR I . -21.50 15.15 35.79
C22 CLR I . -19.03 14.79 35.22
C23 CLR I . -19.37 15.08 33.73
C24 CLR I . -19.26 13.79 32.84
C25 CLR I . -19.25 14.12 31.32
C26 CLR I . -18.88 12.87 30.49
C27 CLR I . -18.31 15.29 31.01
O1 CLR I . -20.88 20.79 45.90
C1 CLR J . -28.36 17.95 43.11
C2 CLR J . -28.89 18.66 44.33
C3 CLR J . -27.82 19.41 45.11
C4 CLR J . -26.99 20.34 44.19
C5 CLR J . -26.41 19.58 43.01
C6 CLR J . -25.49 20.58 42.07
C7 CLR J . -24.90 19.83 40.82
C8 CLR J . -25.95 19.10 40.06
C9 CLR J . -26.87 18.10 41.04
C10 CLR J . -27.50 18.89 42.20
C11 CLR J . -27.94 17.43 40.24
C12 CLR J . -27.36 16.61 39.08
C13 CLR J . -26.42 17.32 38.24
C14 CLR J . -25.35 18.14 39.03
C15 CLR J . -24.30 18.67 37.87
C16 CLR J . -24.53 17.58 36.56
C17 CLR J . -25.54 16.53 37.08
C18 CLR J . -27.25 18.37 37.48
C19 CLR J . -28.42 19.97 41.60
C20 CLR J . -26.41 16.04 36.04
C21 CLR J . -26.55 14.49 36.20
C22 CLR J . -25.83 16.37 34.59
C23 CLR J . -26.41 15.42 33.49
C24 CLR J . -25.29 14.81 32.59
C25 CLR J . -25.85 14.24 31.25
C26 CLR J . -24.70 13.90 30.29
C27 CLR J . -26.84 15.20 30.61
O1 CLR J . -28.43 20.19 46.12
C1 CLR K . -22.29 -3.64 15.55
C2 CLR K . -21.36 -3.58 14.34
C3 CLR K . -22.11 -3.31 13.04
C4 CLR K . -23.06 -2.08 13.15
C5 CLR K . -23.99 -2.22 14.34
C6 CLR K . -25.01 -0.92 14.42
C7 CLR K . -25.98 -1.01 15.64
C8 CLR K . -25.25 -1.27 16.92
C9 CLR K . -24.23 -2.59 16.80
C10 CLR K . -23.24 -2.41 15.63
C11 CLR K . -23.48 -2.77 18.09
C12 CLR K . -24.44 -2.97 19.27
C13 CLR K . -25.48 -1.97 19.39
C14 CLR K . -26.20 -1.64 18.06
C15 CLR K . -27.45 -0.64 18.50
C16 CLR K . -27.69 -0.97 20.15
C17 CLR K . -26.72 -2.13 20.49
C18 CLR K . -24.76 -0.67 19.80
C19 CLR K . -22.39 -1.17 15.91
C20 CLR K . -26.24 -2.05 21.84
C21 CLR K . -26.02 -3.50 22.40
C22 CLR K . -27.25 -1.29 22.78
C23 CLR K . -28.28 -2.23 23.48
C24 CLR K . -28.22 -2.12 25.05
C25 CLR K . -28.85 -3.36 25.74
C26 CLR K . -30.35 -3.45 25.46
C27 CLR K . -28.13 -4.65 25.34
O1 CLR K . -21.17 -3.07 12.02
#